data_5GGR
#
_entry.id   5GGR
#
_cell.length_a   91.290
_cell.length_b   48.612
_cell.length_c   134.904
_cell.angle_alpha   90.00
_cell.angle_beta   102.12
_cell.angle_gamma   90.00
#
_symmetry.space_group_name_H-M   'P 1 21 1'
#
loop_
_entity.id
_entity.type
_entity.pdbx_description
1 polymer 'heavy chain'
2 polymer 'light chain'
3 polymer 'Programmed cell death protein 1'
#
loop_
_entity_poly.entity_id
_entity_poly.type
_entity_poly.pdbx_seq_one_letter_code
_entity_poly.pdbx_strand_id
1 'polypeptide(L)'
;QVQLVESGGGVVQPGRSLRLDCKASGITFSNSGMHWVRQAPGKGLEWVAVIWYDGSKRYYADSVKGRFTISRDNSKNTLF
LQMNSLRAEDTAVYYCATNDDYWGQGTLVTVSSASTKGPSVFPLAPSSKSTSGGTAALGCLVKDYFPEPVTVSWNSGALT
SGVHTFPAVLQSSGLYSLSSVVTVPSSSLGTQTYICNVNHKPSNTKVDKKVEPKSCDKTHHHHHH
;
A,H
2 'polypeptide(L)'
;EIVLTQSPATLSLSPGERATLSCRASQSVSSYLAWYQQKPGQAPRLLIYDASNRATGIPARFSGSGSGTDFTLTISSLEP
EDFAVYYCQQSSNWPRTFGQGTKVEIKRTVAAPSVFIFPPSDEQLKSGTASVVCLLNNFYPREAKVQWKVDNALQSGNSQ
ESVTEQDSKDSTYSLSSTLTLSKADYEKHKVYACEVTHQGLSSPVTKSFNRGEC
;
B,L
3 'polypeptide(L)'
;DSPDRPWNPPTFSPALLVVTEGDNATFTCSFSNTSESFVLNWYRMSPSNQTDKLAAFPEDRSQPGQDSRFRVTQLPNGRD
FHMSVVRARRNDSGTYLCGAISLAPKAQIKESLRAELRVTERRAE
;
Y,Z
#
# COMPACT_ATOMS: atom_id res chain seq x y z
N VAL A 2 -31.46 33.62 -13.24
CA VAL A 2 -30.46 33.15 -12.29
C VAL A 2 -29.51 32.14 -12.93
N GLN A 3 -28.92 32.52 -14.07
CA GLN A 3 -28.11 31.58 -14.86
C GLN A 3 -26.92 32.24 -15.55
N LEU A 4 -26.09 31.40 -16.17
CA LEU A 4 -25.05 31.86 -17.08
C LEU A 4 -25.07 30.96 -18.31
N VAL A 5 -25.44 31.49 -19.47
CA VAL A 5 -25.51 30.66 -20.67
C VAL A 5 -24.34 30.94 -21.60
N GLU A 6 -23.65 29.88 -22.00
CA GLU A 6 -22.49 30.07 -22.85
C GLU A 6 -22.81 29.72 -24.29
N SER A 7 -21.84 29.93 -25.16
CA SER A 7 -22.05 29.86 -26.59
C SER A 7 -20.74 29.65 -27.32
N GLY A 8 -20.79 29.70 -28.65
CA GLY A 8 -19.61 29.77 -29.49
C GLY A 8 -18.59 28.66 -29.38
N GLY A 9 -19.07 27.42 -29.21
CA GLY A 9 -18.18 26.27 -29.10
C GLY A 9 -18.09 25.39 -30.34
N GLY A 10 -17.65 24.15 -30.15
CA GLY A 10 -17.51 23.21 -31.24
C GLY A 10 -16.11 23.05 -31.83
N VAL A 11 -16.03 22.51 -33.04
CA VAL A 11 -14.77 22.10 -33.67
C VAL A 11 -14.11 23.18 -34.56
N VAL A 12 -12.80 23.36 -34.38
CA VAL A 12 -12.01 24.32 -35.16
C VAL A 12 -10.61 23.77 -35.43
N GLN A 13 -10.11 24.00 -36.64
CA GLN A 13 -8.77 23.55 -37.03
C GLN A 13 -7.68 24.33 -36.29
N PRO A 14 -6.44 23.79 -36.24
CA PRO A 14 -5.39 24.50 -35.50
C PRO A 14 -5.02 25.87 -36.08
N GLY A 15 -4.72 26.82 -35.20
CA GLY A 15 -4.26 28.14 -35.60
C GLY A 15 -5.41 29.06 -35.97
N ARG A 16 -6.54 28.44 -36.26
CA ARG A 16 -7.76 29.17 -36.55
C ARG A 16 -8.36 29.61 -35.24
N SER A 17 -8.87 30.83 -35.21
CA SER A 17 -9.41 31.38 -33.97
C SER A 17 -10.80 30.85 -33.64
N LEU A 18 -11.38 31.41 -32.58
CA LEU A 18 -12.75 31.15 -32.16
C LEU A 18 -13.04 32.04 -30.96
N ARG A 19 -14.31 32.36 -30.73
CA ARG A 19 -14.64 33.27 -29.62
C ARG A 19 -15.88 32.86 -28.84
N LEU A 20 -15.69 32.62 -27.55
CA LEU A 20 -16.78 32.24 -26.65
C LEU A 20 -17.59 33.44 -26.17
N ASP A 21 -18.88 33.20 -25.93
CA ASP A 21 -19.76 34.23 -25.39
C ASP A 21 -20.49 33.67 -24.19
N CYS A 22 -20.47 34.39 -23.07
CA CYS A 22 -21.20 33.94 -21.89
C CYS A 22 -22.16 35.03 -21.43
N LYS A 23 -23.46 34.75 -21.54
CA LYS A 23 -24.47 35.73 -21.18
C LYS A 23 -25.18 35.33 -19.89
N ALA A 24 -24.92 36.08 -18.82
CA ALA A 24 -25.52 35.84 -17.52
C ALA A 24 -26.94 36.39 -17.44
N SER A 25 -27.75 35.85 -16.54
CA SER A 25 -29.14 36.29 -16.38
C SER A 25 -29.66 36.11 -14.96
N GLY A 26 -30.61 36.95 -14.57
CA GLY A 26 -31.29 36.83 -13.28
C GLY A 26 -30.37 36.94 -12.06
N ILE A 27 -29.35 37.75 -12.21
CA ILE A 27 -28.31 38.01 -11.21
C ILE A 27 -28.01 39.49 -11.37
N THR A 28 -26.95 39.98 -10.73
CA THR A 28 -26.36 41.21 -11.22
C THR A 28 -24.95 40.91 -11.77
N PHE A 29 -24.85 40.84 -13.10
CA PHE A 29 -23.60 40.47 -13.79
C PHE A 29 -22.64 41.60 -13.67
N SER A 30 -23.17 42.80 -13.87
CA SER A 30 -22.35 43.97 -14.05
C SER A 30 -21.49 44.27 -12.82
N ASN A 31 -22.00 43.90 -11.66
CA ASN A 31 -21.27 44.10 -10.41
C ASN A 31 -20.47 42.89 -9.88
N SER A 32 -20.73 41.69 -10.40
CA SER A 32 -19.93 40.51 -10.04
C SER A 32 -18.68 40.43 -10.91
N GLY A 33 -17.64 39.78 -10.39
CA GLY A 33 -16.46 39.49 -11.19
C GLY A 33 -16.66 38.21 -11.97
N MET A 34 -15.88 38.01 -13.03
CA MET A 34 -16.06 36.82 -13.87
C MET A 34 -14.81 35.98 -14.06
N HIS A 35 -15.01 34.68 -14.27
CA HIS A 35 -13.92 33.73 -14.45
C HIS A 35 -14.10 32.88 -15.70
N TRP A 36 -13.02 32.24 -16.12
CA TRP A 36 -13.08 31.22 -17.17
C TRP A 36 -12.34 29.98 -16.71
N VAL A 37 -13.02 28.83 -16.73
CA VAL A 37 -12.37 27.59 -16.34
C VAL A 37 -12.63 26.49 -17.36
N ARG A 38 -11.57 25.91 -17.90
CA ARG A 38 -11.74 24.81 -18.84
C ARG A 38 -11.42 23.49 -18.18
N GLN A 39 -11.71 22.40 -18.89
CA GLN A 39 -11.28 21.08 -18.48
C GLN A 39 -11.06 20.18 -19.69
N ALA A 40 -9.88 19.55 -19.78
CA ALA A 40 -9.64 18.62 -20.88
C ALA A 40 -10.48 17.39 -20.62
N PRO A 41 -10.93 16.70 -21.68
CA PRO A 41 -11.80 15.53 -21.42
C PRO A 41 -11.10 14.47 -20.59
N GLY A 42 -11.77 13.96 -19.56
CA GLY A 42 -11.21 12.91 -18.73
C GLY A 42 -10.16 13.37 -17.73
N LYS A 43 -9.87 14.67 -17.72
CA LYS A 43 -8.86 15.24 -16.84
C LYS A 43 -9.47 16.33 -15.97
N GLY A 44 -8.75 16.74 -14.94
CA GLY A 44 -9.27 17.70 -13.98
C GLY A 44 -9.46 19.11 -14.51
N LEU A 45 -9.97 20.00 -13.67
CA LEU A 45 -10.17 21.39 -14.04
C LEU A 45 -8.88 22.19 -14.05
N GLU A 46 -8.85 23.19 -14.92
CA GLU A 46 -7.71 24.11 -15.00
C GLU A 46 -8.21 25.53 -15.15
N TRP A 47 -7.82 26.42 -14.24
CA TRP A 47 -8.20 27.82 -14.33
C TRP A 47 -7.65 28.42 -15.61
N VAL A 48 -8.38 29.35 -16.20
CA VAL A 48 -7.98 29.94 -17.47
C VAL A 48 -7.73 31.45 -17.36
N ALA A 49 -8.79 32.21 -17.07
CA ALA A 49 -8.66 33.66 -17.02
C ALA A 49 -9.69 34.33 -16.11
N VAL A 50 -9.43 35.58 -15.74
CA VAL A 50 -10.33 36.35 -14.88
C VAL A 50 -10.36 37.80 -15.31
N ILE A 51 -11.53 38.43 -15.19
CA ILE A 51 -11.64 39.88 -15.41
C ILE A 51 -12.42 40.53 -14.27
N TRP A 52 -11.86 41.61 -13.73
CA TRP A 52 -12.53 42.37 -12.68
C TRP A 52 -13.80 42.97 -13.25
N TYR A 53 -14.77 43.22 -12.38
CA TYR A 53 -16.13 43.56 -12.81
C TYR A 53 -16.21 44.76 -13.75
N ASP A 54 -15.45 45.81 -13.47
CA ASP A 54 -15.41 46.98 -14.35
C ASP A 54 -14.47 46.79 -15.54
N GLY A 55 -13.44 45.97 -15.35
CA GLY A 55 -12.42 45.78 -16.37
C GLY A 55 -11.12 46.47 -16.05
N SER A 56 -11.05 47.07 -14.86
CA SER A 56 -9.84 47.73 -14.39
C SER A 56 -8.62 46.82 -14.44
N LYS A 57 -8.81 45.53 -14.15
CA LYS A 57 -7.70 44.58 -14.29
C LYS A 57 -8.15 43.18 -14.68
N ARG A 58 -7.23 42.44 -15.28
CA ARG A 58 -7.49 41.09 -15.74
C ARG A 58 -6.21 40.25 -15.66
N TYR A 59 -6.37 38.97 -15.32
CA TYR A 59 -5.24 38.05 -15.23
C TYR A 59 -5.52 36.79 -16.03
N TYR A 60 -4.47 36.20 -16.60
CA TYR A 60 -4.64 35.01 -17.44
C TYR A 60 -3.86 33.83 -16.90
N ALA A 61 -4.03 32.68 -17.53
CA ALA A 61 -3.17 31.54 -17.27
C ALA A 61 -1.99 31.62 -18.20
N ASP A 62 -0.82 31.20 -17.74
CA ASP A 62 0.38 31.21 -18.57
C ASP A 62 0.17 30.48 -19.89
N SER A 63 -0.59 29.40 -19.83
CA SER A 63 -0.88 28.59 -21.00
C SER A 63 -1.61 29.37 -22.09
N VAL A 64 -2.44 30.33 -21.67
CA VAL A 64 -3.20 31.15 -22.62
C VAL A 64 -2.67 32.56 -22.93
N LYS A 65 -1.57 33.00 -22.30
CA LYS A 65 -1.07 34.38 -22.51
C LYS A 65 -0.77 34.70 -23.98
N GLY A 66 -1.16 35.91 -24.40
CA GLY A 66 -0.83 36.43 -25.72
C GLY A 66 -1.77 35.90 -26.80
N ARG A 67 -2.46 34.82 -26.45
CA ARG A 67 -3.33 34.10 -27.36
C ARG A 67 -4.79 34.40 -27.05
N PHE A 68 -5.21 34.01 -25.85
CA PHE A 68 -6.58 34.23 -25.41
C PHE A 68 -6.75 35.71 -25.05
N THR A 69 -7.99 36.19 -25.04
CA THR A 69 -8.27 37.51 -24.48
C THR A 69 -9.60 37.47 -23.74
N ILE A 70 -9.62 37.96 -22.49
CA ILE A 70 -10.85 37.99 -21.73
C ILE A 70 -11.35 39.42 -21.55
N SER A 71 -12.63 39.63 -21.80
CA SER A 71 -13.25 40.94 -21.62
C SER A 71 -14.74 40.81 -21.31
N ARG A 72 -15.38 41.93 -21.06
CA ARG A 72 -16.81 41.93 -20.74
C ARG A 72 -17.48 43.20 -21.23
N ASP A 73 -18.71 43.04 -21.70
CA ASP A 73 -19.54 44.16 -22.08
C ASP A 73 -20.67 44.17 -21.06
N ASN A 74 -20.61 45.11 -20.12
CA ASN A 74 -21.51 45.10 -18.97
C ASN A 74 -22.90 45.58 -19.35
N SER A 75 -22.95 46.35 -20.43
CA SER A 75 -24.20 46.76 -21.04
C SER A 75 -25.06 45.53 -21.36
N LYS A 76 -24.58 44.69 -22.26
CA LYS A 76 -25.32 43.53 -22.72
C LYS A 76 -25.32 42.38 -21.71
N ASN A 77 -24.59 42.56 -20.61
CA ASN A 77 -24.40 41.54 -19.59
C ASN A 77 -23.81 40.28 -20.19
N THR A 78 -22.78 40.47 -21.00
CA THR A 78 -22.14 39.36 -21.67
C THR A 78 -20.66 39.31 -21.33
N LEU A 79 -20.19 38.14 -20.93
CA LEU A 79 -18.77 37.91 -20.80
C LEU A 79 -18.26 37.42 -22.15
N PHE A 80 -17.08 37.87 -22.54
CA PHE A 80 -16.49 37.44 -23.80
C PHE A 80 -15.16 36.74 -23.59
N LEU A 81 -14.90 35.71 -24.40
CA LEU A 81 -13.57 35.10 -24.43
C LEU A 81 -13.08 34.96 -25.85
N GLN A 82 -12.01 35.67 -26.18
CA GLN A 82 -11.42 35.54 -27.51
C GLN A 82 -10.28 34.54 -27.44
N MET A 83 -10.44 33.42 -28.14
CA MET A 83 -9.40 32.39 -28.16
C MET A 83 -8.73 32.37 -29.52
N ASN A 84 -7.49 32.83 -29.59
CA ASN A 84 -6.75 32.86 -30.84
C ASN A 84 -5.53 31.96 -30.81
N SER A 85 -5.10 31.53 -31.99
CA SER A 85 -4.03 30.57 -32.14
C SER A 85 -4.32 29.35 -31.27
N LEU A 86 -5.41 28.66 -31.60
CA LEU A 86 -5.82 27.48 -30.85
C LEU A 86 -4.98 26.28 -31.24
N ARG A 87 -4.58 25.54 -30.22
CA ARG A 87 -3.77 24.33 -30.40
C ARG A 87 -4.60 23.14 -29.97
N ALA A 88 -4.27 21.97 -30.50
CA ALA A 88 -5.04 20.75 -30.22
C ALA A 88 -5.16 20.49 -28.71
N GLU A 89 -4.14 20.95 -27.98
CA GLU A 89 -4.12 20.84 -26.53
C GLU A 89 -5.19 21.69 -25.84
N ASP A 90 -5.68 22.71 -26.53
CA ASP A 90 -6.67 23.63 -25.96
C ASP A 90 -8.07 23.03 -25.93
N THR A 91 -8.22 21.83 -26.50
CA THR A 91 -9.45 21.06 -26.39
C THR A 91 -9.83 20.94 -24.91
N ALA A 92 -11.07 21.29 -24.61
CA ALA A 92 -11.56 21.44 -23.25
C ALA A 92 -13.04 21.81 -23.23
N VAL A 93 -13.64 21.82 -22.04
CA VAL A 93 -14.98 22.41 -21.84
C VAL A 93 -14.83 23.70 -21.06
N TYR A 94 -15.26 24.82 -21.64
CA TYR A 94 -15.06 26.11 -20.98
C TYR A 94 -16.29 26.63 -20.25
N TYR A 95 -16.23 26.64 -18.93
CA TYR A 95 -17.30 27.19 -18.08
C TYR A 95 -17.02 28.65 -17.72
N CYS A 96 -18.06 29.49 -17.66
CA CYS A 96 -17.89 30.78 -17.02
C CYS A 96 -18.46 30.73 -15.61
N ALA A 97 -17.80 31.40 -14.68
CA ALA A 97 -18.27 31.50 -13.31
C ALA A 97 -17.99 32.87 -12.70
N THR A 98 -18.95 33.39 -11.92
CA THR A 98 -18.74 34.61 -11.16
C THR A 98 -17.82 34.30 -9.99
N ASN A 99 -17.19 35.33 -9.41
CA ASN A 99 -16.31 35.12 -8.28
C ASN A 99 -17.06 34.56 -7.07
N ASP A 100 -18.36 34.82 -7.03
CA ASP A 100 -19.24 34.34 -5.96
C ASP A 100 -19.67 32.91 -6.24
N ASP A 101 -19.07 32.32 -7.28
CA ASP A 101 -19.25 30.93 -7.69
C ASP A 101 -20.63 30.51 -8.22
N TYR A 102 -21.16 31.28 -9.16
CA TYR A 102 -22.26 30.80 -10.01
C TYR A 102 -21.67 30.26 -11.31
N TRP A 103 -21.87 28.97 -11.60
CA TRP A 103 -21.30 28.33 -12.81
C TRP A 103 -22.36 27.99 -13.86
N GLY A 104 -21.95 27.94 -15.12
CA GLY A 104 -22.84 27.59 -16.21
C GLY A 104 -22.81 26.11 -16.57
N GLN A 105 -23.36 25.78 -17.73
CA GLN A 105 -23.43 24.39 -18.19
C GLN A 105 -22.08 23.88 -18.66
N GLY A 106 -21.32 24.80 -19.25
CA GLY A 106 -20.03 24.54 -19.87
C GLY A 106 -20.23 24.43 -21.37
N THR A 107 -19.27 24.94 -22.14
CA THR A 107 -19.36 24.90 -23.60
C THR A 107 -18.19 24.07 -24.11
N LEU A 108 -18.44 23.27 -25.14
CA LEU A 108 -17.43 22.32 -25.60
C LEU A 108 -16.70 22.86 -26.83
N VAL A 109 -15.38 22.89 -26.74
CA VAL A 109 -14.52 23.33 -27.83
C VAL A 109 -13.54 22.20 -28.17
N THR A 110 -13.62 21.67 -29.38
CA THR A 110 -12.69 20.63 -29.82
C THR A 110 -11.76 21.14 -30.90
N VAL A 111 -10.45 21.09 -30.64
CA VAL A 111 -9.47 21.52 -31.63
C VAL A 111 -8.79 20.33 -32.31
N SER A 112 -9.07 20.14 -33.59
CA SER A 112 -8.43 19.07 -34.36
C SER A 112 -8.32 19.42 -35.84
N SER A 113 -7.33 18.84 -36.50
CA SER A 113 -7.15 19.04 -37.93
C SER A 113 -7.86 17.94 -38.71
N ALA A 114 -8.44 16.98 -38.00
CA ALA A 114 -9.15 15.87 -38.61
C ALA A 114 -10.46 16.32 -39.25
N SER A 115 -10.74 15.77 -40.42
CA SER A 115 -12.01 15.97 -41.12
C SER A 115 -13.14 15.16 -40.48
N THR A 116 -14.38 15.53 -40.78
CA THR A 116 -15.52 14.79 -40.26
C THR A 116 -15.67 13.51 -41.08
N LYS A 117 -15.50 12.37 -40.42
CA LYS A 117 -15.52 11.08 -41.10
C LYS A 117 -16.52 10.15 -40.43
N GLY A 118 -17.11 9.28 -41.22
CA GLY A 118 -18.00 8.26 -40.70
C GLY A 118 -17.22 7.09 -40.13
N PRO A 119 -17.81 6.40 -39.14
CA PRO A 119 -17.20 5.23 -38.52
C PRO A 119 -17.25 3.98 -39.38
N SER A 120 -16.18 3.19 -39.35
CA SER A 120 -16.26 1.82 -39.82
C SER A 120 -16.74 0.98 -38.64
N VAL A 121 -17.62 0.02 -38.92
CA VAL A 121 -18.16 -0.83 -37.87
C VAL A 121 -17.78 -2.28 -38.12
N PHE A 122 -17.06 -2.85 -37.19
CA PHE A 122 -16.58 -4.22 -37.33
C PHE A 122 -17.16 -5.10 -36.23
N PRO A 123 -17.52 -6.34 -36.58
CA PRO A 123 -18.07 -7.30 -35.61
C PRO A 123 -16.98 -7.88 -34.73
N LEU A 124 -17.31 -8.16 -33.47
CA LEU A 124 -16.40 -8.86 -32.59
C LEU A 124 -16.97 -10.27 -32.33
N ALA A 125 -16.32 -11.29 -32.87
CA ALA A 125 -16.85 -12.66 -32.83
C ALA A 125 -16.83 -13.26 -31.42
N PRO A 126 -17.92 -13.92 -31.03
CA PRO A 126 -17.95 -14.32 -29.61
C PRO A 126 -17.49 -15.72 -29.14
N SER A 127 -17.37 -15.68 -27.81
CA SER A 127 -16.97 -16.72 -26.86
C SER A 127 -15.73 -17.60 -27.12
N SER A 128 -15.75 -18.78 -26.50
CA SER A 128 -14.51 -19.49 -26.16
C SER A 128 -13.31 -18.54 -25.95
N SER A 132 -15.56 -17.90 -20.07
CA SER A 132 -16.72 -17.07 -20.34
C SER A 132 -17.67 -17.19 -19.15
N GLY A 133 -17.73 -18.41 -18.62
CA GLY A 133 -18.53 -18.71 -17.45
C GLY A 133 -20.03 -18.88 -17.65
N GLY A 134 -20.45 -19.46 -18.78
CA GLY A 134 -21.86 -19.71 -19.03
C GLY A 134 -22.56 -18.66 -19.87
N THR A 135 -21.91 -17.51 -20.00
CA THR A 135 -22.41 -16.41 -20.79
C THR A 135 -21.50 -16.18 -21.99
N ALA A 136 -22.04 -15.67 -23.09
CA ALA A 136 -21.19 -15.34 -24.22
C ALA A 136 -21.11 -13.83 -24.41
N ALA A 137 -19.90 -13.36 -24.69
CA ALA A 137 -19.69 -11.93 -24.89
C ALA A 137 -19.40 -11.61 -26.36
N LEU A 138 -20.24 -10.76 -26.94
CA LEU A 138 -20.08 -10.34 -28.33
C LEU A 138 -20.10 -8.82 -28.45
N GLY A 139 -19.03 -8.25 -28.98
CA GLY A 139 -18.98 -6.80 -29.14
C GLY A 139 -19.12 -6.30 -30.57
N CYS A 140 -19.19 -4.98 -30.71
CA CYS A 140 -18.91 -4.33 -31.99
C CYS A 140 -18.01 -3.14 -31.88
N LEU A 141 -17.14 -3.07 -32.87
CA LEU A 141 -16.02 -2.17 -32.85
C LEU A 141 -16.24 -1.07 -33.88
N VAL A 142 -16.36 0.14 -33.35
CA VAL A 142 -16.64 1.32 -34.14
C VAL A 142 -15.34 2.11 -34.26
N LYS A 143 -14.77 2.18 -35.46
CA LYS A 143 -13.44 2.76 -35.60
C LYS A 143 -13.31 3.94 -36.58
N ASP A 144 -12.31 4.77 -36.33
CA ASP A 144 -11.88 5.83 -37.23
C ASP A 144 -13.04 6.69 -37.71
N TYR A 145 -13.60 7.44 -36.76
CA TYR A 145 -14.66 8.40 -37.03
C TYR A 145 -14.35 9.69 -36.29
N PHE A 146 -15.09 10.74 -36.62
CA PHE A 146 -14.86 12.07 -36.09
C PHE A 146 -15.94 13.02 -36.60
N PRO A 147 -16.39 13.94 -35.72
CA PRO A 147 -16.05 13.92 -34.30
C PRO A 147 -17.04 13.12 -33.49
N GLU A 148 -16.86 13.15 -32.17
CA GLU A 148 -17.77 12.50 -31.23
C GLU A 148 -19.05 13.35 -31.13
N PRO A 149 -20.12 12.86 -30.49
CA PRO A 149 -20.34 11.46 -30.11
C PRO A 149 -21.06 10.59 -31.14
N VAL A 150 -21.15 9.31 -30.81
CA VAL A 150 -21.82 8.29 -31.61
C VAL A 150 -22.76 7.50 -30.71
N THR A 151 -24.02 7.43 -31.11
CA THR A 151 -24.99 6.67 -30.35
C THR A 151 -24.94 5.22 -30.84
N VAL A 152 -24.99 4.30 -29.89
CA VAL A 152 -25.02 2.89 -30.20
C VAL A 152 -26.21 2.25 -29.50
N SER A 153 -26.96 1.44 -30.24
CA SER A 153 -28.02 0.65 -29.64
C SER A 153 -27.84 -0.82 -30.06
N TRP A 154 -28.43 -1.73 -29.30
CA TRP A 154 -28.34 -3.14 -29.67
C TRP A 154 -29.74 -3.67 -29.96
N ASN A 155 -29.96 -4.08 -31.20
CA ASN A 155 -31.28 -4.53 -31.63
C ASN A 155 -32.32 -3.45 -31.37
N SER A 156 -32.01 -2.23 -31.78
CA SER A 156 -32.87 -1.06 -31.57
C SER A 156 -33.36 -0.96 -30.12
N GLY A 157 -32.44 -0.83 -29.18
CA GLY A 157 -32.79 -0.63 -27.78
C GLY A 157 -33.67 -1.72 -27.20
N ALA A 158 -33.75 -2.85 -27.87
CA ALA A 158 -34.56 -3.96 -27.39
C ALA A 158 -33.71 -4.96 -26.62
N LEU A 159 -32.40 -4.72 -26.55
CA LEU A 159 -31.54 -5.47 -25.64
C LEU A 159 -30.68 -4.52 -24.81
N THR A 160 -31.03 -4.30 -23.54
CA THR A 160 -30.15 -3.54 -22.65
C THR A 160 -29.37 -4.31 -21.58
N SER A 161 -29.75 -5.55 -21.29
CA SER A 161 -29.13 -6.23 -20.15
C SER A 161 -27.78 -6.84 -20.56
N GLY A 162 -26.73 -6.40 -19.89
CA GLY A 162 -25.38 -6.82 -20.24
C GLY A 162 -24.74 -5.93 -21.29
N VAL A 163 -25.39 -4.81 -21.60
CA VAL A 163 -24.83 -3.88 -22.58
C VAL A 163 -23.79 -2.96 -21.95
N HIS A 164 -22.61 -2.92 -22.55
CA HIS A 164 -21.54 -2.05 -22.09
C HIS A 164 -20.94 -1.30 -23.27
N THR A 165 -21.09 0.02 -23.26
CA THR A 165 -20.52 0.84 -24.32
C THR A 165 -19.37 1.67 -23.74
N PHE A 166 -18.16 1.30 -24.12
CA PHE A 166 -16.96 1.94 -23.59
C PHE A 166 -16.78 3.34 -24.15
N PRO A 167 -16.23 4.25 -23.33
CA PRO A 167 -15.94 5.60 -23.79
C PRO A 167 -14.96 5.58 -24.97
N ALA A 168 -15.26 6.30 -26.04
CA ALA A 168 -14.37 6.32 -27.19
C ALA A 168 -13.06 6.99 -26.82
N VAL A 169 -11.96 6.42 -27.29
CA VAL A 169 -10.65 7.00 -27.05
C VAL A 169 -10.05 7.56 -28.34
N LEU A 170 -9.45 8.73 -28.25
CA LEU A 170 -8.79 9.35 -29.39
C LEU A 170 -7.45 8.65 -29.61
N GLN A 171 -7.13 8.37 -30.86
CA GLN A 171 -5.94 7.57 -31.19
C GLN A 171 -5.02 8.35 -32.10
N SER A 172 -3.82 7.84 -32.29
CA SER A 172 -2.74 8.56 -32.96
C SER A 172 -3.14 9.19 -34.31
N SER A 173 -4.16 8.63 -34.96
CA SER A 173 -4.65 9.16 -36.23
C SER A 173 -5.43 10.46 -36.11
N GLY A 174 -5.78 10.85 -34.89
CA GLY A 174 -6.64 12.01 -34.69
C GLY A 174 -8.11 11.64 -34.84
N LEU A 175 -8.39 10.35 -34.93
CA LEU A 175 -9.75 9.84 -35.09
C LEU A 175 -10.17 9.04 -33.86
N TYR A 176 -11.40 9.18 -33.40
CA TYR A 176 -11.86 8.41 -32.24
C TYR A 176 -12.14 6.97 -32.63
N SER A 177 -12.09 6.09 -31.64
CA SER A 177 -12.56 4.72 -31.83
C SER A 177 -13.11 4.16 -30.52
N LEU A 178 -14.19 3.38 -30.60
CA LEU A 178 -14.72 2.72 -29.40
C LEU A 178 -15.21 1.30 -29.68
N SER A 179 -15.62 0.63 -28.62
CA SER A 179 -16.13 -0.73 -28.69
C SER A 179 -17.36 -0.83 -27.83
N SER A 180 -18.44 -1.36 -28.40
CA SER A 180 -19.63 -1.65 -27.63
C SER A 180 -19.83 -3.15 -27.54
N VAL A 181 -19.91 -3.67 -26.32
CA VAL A 181 -20.07 -5.10 -26.11
C VAL A 181 -21.34 -5.43 -25.33
N VAL A 182 -21.89 -6.61 -25.58
CA VAL A 182 -23.07 -7.06 -24.85
C VAL A 182 -22.87 -8.50 -24.40
N THR A 183 -23.32 -8.82 -23.19
CA THR A 183 -23.19 -10.18 -22.66
C THR A 183 -24.54 -10.90 -22.73
N VAL A 184 -24.53 -12.09 -23.30
CA VAL A 184 -25.73 -12.89 -23.50
C VAL A 184 -25.43 -14.36 -23.17
N PRO A 185 -26.47 -15.15 -22.86
CA PRO A 185 -26.28 -16.58 -22.63
C PRO A 185 -25.77 -17.32 -23.87
N SER A 186 -24.78 -18.18 -23.65
CA SER A 186 -24.14 -18.98 -24.71
C SER A 186 -25.14 -19.74 -25.59
N SER A 187 -25.94 -20.60 -24.98
CA SER A 187 -26.90 -21.44 -25.69
C SER A 187 -27.85 -20.63 -26.57
N SER A 188 -28.04 -19.36 -26.24
CA SER A 188 -28.93 -18.50 -27.02
C SER A 188 -28.34 -18.08 -28.36
N LEU A 189 -27.09 -18.41 -28.63
CA LEU A 189 -26.45 -17.88 -29.83
C LEU A 189 -27.05 -18.63 -31.04
N GLY A 190 -27.75 -17.88 -31.89
CA GLY A 190 -28.50 -18.48 -32.97
C GLY A 190 -30.00 -18.66 -32.80
N THR A 191 -30.56 -18.68 -31.58
CA THR A 191 -32.03 -18.59 -31.47
C THR A 191 -32.44 -17.12 -31.50
N GLN A 192 -31.53 -16.28 -31.00
CA GLN A 192 -31.73 -14.84 -30.95
C GLN A 192 -30.63 -14.13 -31.72
N THR A 193 -31.03 -13.49 -32.82
CA THR A 193 -30.09 -12.78 -33.68
C THR A 193 -29.66 -11.45 -33.05
N TYR A 194 -28.36 -11.18 -33.13
CA TYR A 194 -27.81 -9.97 -32.55
C TYR A 194 -27.38 -8.98 -33.61
N ILE A 195 -27.95 -7.79 -33.55
CA ILE A 195 -27.60 -6.77 -34.52
C ILE A 195 -27.21 -5.47 -33.82
N CYS A 196 -26.00 -5.01 -34.12
CA CYS A 196 -25.50 -3.73 -33.62
C CYS A 196 -25.98 -2.58 -34.48
N ASN A 197 -26.18 -1.44 -33.81
CA ASN A 197 -26.82 -0.24 -34.35
C ASN A 197 -25.90 0.94 -34.13
N VAL A 198 -25.31 1.43 -35.20
CA VAL A 198 -24.37 2.54 -35.05
C VAL A 198 -24.99 3.77 -35.70
N ASN A 199 -24.89 4.91 -35.00
CA ASN A 199 -25.32 6.19 -35.54
C ASN A 199 -24.21 7.23 -35.40
N HIS A 200 -23.73 7.81 -36.50
CA HIS A 200 -22.98 9.04 -36.31
C HIS A 200 -23.72 10.18 -36.99
N LYS A 201 -24.32 11.06 -36.19
CA LYS A 201 -25.20 12.10 -36.71
C LYS A 201 -24.51 13.19 -37.55
N PRO A 202 -23.39 13.77 -37.06
CA PRO A 202 -22.68 14.77 -37.89
C PRO A 202 -22.27 14.25 -39.26
N SER A 203 -21.69 13.05 -39.31
CA SER A 203 -21.30 12.44 -40.57
C SER A 203 -22.52 11.91 -41.31
N ASN A 204 -23.66 11.92 -40.61
CA ASN A 204 -24.90 11.33 -41.11
C ASN A 204 -24.71 9.89 -41.51
N THR A 205 -24.41 9.06 -40.52
CA THR A 205 -24.15 7.67 -40.80
C THR A 205 -24.95 6.82 -39.84
N LYS A 206 -25.66 5.84 -40.39
CA LYS A 206 -26.34 4.85 -39.59
C LYS A 206 -26.00 3.49 -40.15
N VAL A 207 -25.53 2.59 -39.28
CA VAL A 207 -25.11 1.27 -39.71
C VAL A 207 -25.65 0.21 -38.76
N ASP A 208 -26.09 -0.91 -39.31
CA ASP A 208 -26.52 -2.03 -38.50
C ASP A 208 -25.70 -3.28 -38.82
N LYS A 209 -24.91 -3.75 -37.85
CA LYS A 209 -24.05 -4.91 -38.07
C LYS A 209 -24.65 -6.16 -37.43
N LYS A 210 -24.65 -7.27 -38.17
CA LYS A 210 -25.21 -8.52 -37.68
C LYS A 210 -24.08 -9.39 -37.16
N VAL A 211 -24.02 -9.52 -35.84
CA VAL A 211 -22.90 -10.20 -35.19
C VAL A 211 -23.18 -11.66 -34.95
N GLU A 212 -22.35 -12.50 -35.55
CA GLU A 212 -22.54 -13.93 -35.44
C GLU A 212 -21.21 -14.62 -35.20
N PRO A 213 -21.23 -15.67 -34.38
CA PRO A 213 -20.01 -16.44 -34.11
C PRO A 213 -19.70 -17.41 -35.24
N GLU B 1 3.02 29.38 -10.30
CA GLU B 1 1.82 28.60 -9.99
C GLU B 1 2.03 27.73 -8.75
N ILE B 2 0.99 27.63 -7.93
CA ILE B 2 1.02 26.82 -6.72
C ILE B 2 0.51 25.42 -7.03
N VAL B 3 1.18 24.41 -6.49
CA VAL B 3 0.84 23.02 -6.77
C VAL B 3 0.01 22.43 -5.64
N LEU B 4 -1.26 22.17 -5.91
CA LEU B 4 -2.14 21.55 -4.93
C LEU B 4 -2.25 20.05 -5.17
N THR B 5 -1.75 19.27 -4.22
CA THR B 5 -1.79 17.82 -4.31
C THR B 5 -2.95 17.29 -3.47
N GLN B 6 -3.81 16.49 -4.09
CA GLN B 6 -4.95 15.94 -3.37
C GLN B 6 -4.71 14.46 -3.06
N SER B 7 -5.09 14.06 -1.85
CA SER B 7 -4.95 12.67 -1.43
C SER B 7 -6.23 12.21 -0.75
N PRO B 8 -6.63 10.95 -1.01
CA PRO B 8 -6.03 9.98 -1.93
C PRO B 8 -6.47 10.19 -3.38
N ALA B 9 -6.11 9.26 -4.26
CA ALA B 9 -6.58 9.30 -5.64
C ALA B 9 -8.05 8.90 -5.71
N THR B 10 -8.39 7.84 -4.99
CA THR B 10 -9.75 7.29 -4.98
C THR B 10 -10.13 6.97 -3.54
N LEU B 11 -11.43 7.07 -3.20
CA LEU B 11 -11.88 6.77 -1.85
C LEU B 11 -13.09 5.84 -1.92
N SER B 12 -12.96 4.63 -1.36
CA SER B 12 -14.04 3.65 -1.45
C SER B 12 -14.79 3.56 -0.12
N LEU B 13 -16.02 4.06 -0.13
CA LEU B 13 -16.86 4.14 1.07
C LEU B 13 -18.27 3.64 0.80
N SER B 14 -19.12 3.73 1.81
CA SER B 14 -20.53 3.42 1.66
C SER B 14 -21.37 4.53 2.29
N PRO B 15 -22.66 4.59 1.95
CA PRO B 15 -23.51 5.60 2.58
C PRO B 15 -23.44 5.58 4.10
N GLY B 16 -23.19 6.74 4.70
CA GLY B 16 -23.09 6.86 6.14
C GLY B 16 -21.70 6.93 6.69
N GLU B 17 -20.70 6.47 5.93
CA GLU B 17 -19.32 6.47 6.43
C GLU B 17 -18.69 7.86 6.36
N ARG B 18 -17.74 8.10 7.26
CA ARG B 18 -16.99 9.35 7.25
C ARG B 18 -16.18 9.49 5.97
N ALA B 19 -15.97 10.72 5.52
CA ALA B 19 -15.09 10.98 4.38
C ALA B 19 -14.13 12.13 4.67
N THR B 20 -12.83 11.85 4.66
CA THR B 20 -11.82 12.87 4.87
C THR B 20 -10.86 12.94 3.68
N LEU B 21 -10.80 14.12 3.06
CA LEU B 21 -9.97 14.33 1.87
C LEU B 21 -8.95 15.43 2.17
N SER B 22 -7.70 15.19 1.75
CA SER B 22 -6.60 16.09 2.08
C SER B 22 -6.07 16.83 0.86
N CYS B 23 -5.55 18.02 1.08
CA CYS B 23 -5.00 18.84 0.01
C CYS B 23 -3.73 19.47 0.54
N ARG B 24 -2.63 19.31 -0.20
CA ARG B 24 -1.36 19.89 0.23
C ARG B 24 -0.80 20.89 -0.78
N ALA B 25 -0.35 22.03 -0.27
CA ALA B 25 0.14 23.10 -1.14
C ALA B 25 1.67 23.13 -1.24
N SER B 26 2.18 23.45 -2.42
CA SER B 26 3.60 23.64 -2.65
C SER B 26 4.12 24.83 -1.83
N GLN B 27 3.17 25.62 -1.36
CA GLN B 27 3.39 26.89 -0.68
C GLN B 27 2.30 27.10 0.36
N SER B 28 2.16 28.32 0.87
CA SER B 28 1.03 28.64 1.76
C SER B 28 0.00 29.60 1.13
N VAL B 29 -1.25 29.14 1.07
CA VAL B 29 -2.37 29.99 0.64
C VAL B 29 -3.15 30.61 1.81
N SER B 30 -2.68 30.38 3.04
CA SER B 30 -3.42 30.72 4.28
C SER B 30 -4.74 29.96 4.34
N SER B 31 -5.84 30.70 4.49
CA SER B 31 -7.20 30.14 4.43
C SER B 31 -7.90 30.28 3.07
N TYR B 32 -7.19 30.67 2.01
CA TYR B 32 -7.85 30.99 0.73
C TYR B 32 -8.27 29.76 -0.08
N LEU B 33 -8.11 28.56 0.49
CA LEU B 33 -8.54 27.33 -0.19
C LEU B 33 -10.07 27.18 -0.29
N ALA B 34 -10.53 26.65 -1.44
CA ALA B 34 -11.93 26.27 -1.63
C ALA B 34 -12.04 24.80 -1.99
N TRP B 35 -13.23 24.23 -1.85
CA TRP B 35 -13.48 22.84 -2.25
C TRP B 35 -14.70 22.73 -3.17
N TYR B 36 -14.56 22.02 -4.28
CA TYR B 36 -15.67 21.85 -5.21
C TYR B 36 -16.07 20.39 -5.38
N GLN B 37 -17.34 20.17 -5.74
CA GLN B 37 -17.87 18.84 -6.05
C GLN B 37 -18.16 18.74 -7.55
N GLN B 38 -17.79 17.62 -8.18
CA GLN B 38 -18.20 17.40 -9.56
C GLN B 38 -18.63 15.96 -9.86
N LYS B 39 -19.85 15.81 -10.35
CA LYS B 39 -20.34 14.54 -10.88
C LYS B 39 -20.08 14.45 -12.37
N PRO B 40 -20.05 13.22 -12.94
CA PRO B 40 -19.76 13.13 -14.38
C PRO B 40 -20.81 13.85 -15.24
N GLY B 41 -20.33 14.55 -16.26
CA GLY B 41 -21.20 15.28 -17.16
C GLY B 41 -21.91 16.45 -16.50
N GLN B 42 -21.23 17.12 -15.58
CA GLN B 42 -21.79 18.28 -14.92
C GLN B 42 -20.76 19.38 -14.66
N ALA B 43 -21.23 20.51 -14.13
CA ALA B 43 -20.38 21.62 -13.76
C ALA B 43 -19.91 21.46 -12.32
N PRO B 44 -18.77 22.06 -11.97
CA PRO B 44 -18.27 22.01 -10.59
C PRO B 44 -19.23 22.64 -9.59
N ARG B 45 -19.34 22.05 -8.41
CA ARG B 45 -20.22 22.57 -7.37
C ARG B 45 -19.44 23.01 -6.16
N LEU B 46 -19.55 24.29 -5.79
CA LEU B 46 -18.86 24.77 -4.61
C LEU B 46 -19.43 24.07 -3.38
N LEU B 47 -18.56 23.79 -2.42
CA LEU B 47 -18.95 23.18 -1.15
C LEU B 47 -18.50 24.03 0.02
N ILE B 48 -17.19 24.17 0.16
CA ILE B 48 -16.60 24.94 1.25
C ILE B 48 -15.64 26.00 0.71
N TYR B 49 -15.86 27.26 1.07
CA TYR B 49 -14.92 28.33 0.72
C TYR B 49 -14.24 28.89 1.98
N ASP B 50 -13.00 29.36 1.83
CA ASP B 50 -12.20 29.89 2.94
C ASP B 50 -11.97 28.84 4.05
N ALA B 51 -12.03 27.57 3.64
CA ALA B 51 -11.64 26.38 4.43
C ALA B 51 -12.59 26.04 5.58
N SER B 52 -13.45 26.98 5.96
CA SER B 52 -14.37 26.79 7.07
C SER B 52 -15.77 27.08 6.57
N ASN B 53 -15.94 28.32 6.11
CA ASN B 53 -17.22 28.80 5.61
C ASN B 53 -17.82 27.84 4.61
N ARG B 54 -19.08 27.49 4.85
CA ARG B 54 -19.80 26.56 4.00
C ARG B 54 -20.62 27.35 3.00
N ALA B 55 -20.69 26.87 1.77
CA ALA B 55 -21.49 27.54 0.76
C ALA B 55 -22.96 27.51 1.15
N THR B 56 -23.74 28.43 0.61
CA THR B 56 -25.17 28.50 0.91
C THR B 56 -25.90 27.30 0.34
N GLY B 57 -27.01 26.94 0.97
CA GLY B 57 -27.82 25.82 0.52
C GLY B 57 -27.03 24.54 0.38
N ILE B 58 -25.95 24.45 1.16
CA ILE B 58 -25.11 23.26 1.19
C ILE B 58 -25.29 22.51 2.51
N PRO B 59 -25.60 21.21 2.42
CA PRO B 59 -25.89 20.34 3.57
C PRO B 59 -24.89 20.45 4.73
N ALA B 60 -25.39 20.33 5.95
CA ALA B 60 -24.58 20.52 7.15
C ALA B 60 -23.52 19.45 7.35
N ARG B 61 -23.73 18.29 6.74
CA ARG B 61 -22.79 17.19 6.86
C ARG B 61 -21.45 17.51 6.20
N PHE B 62 -21.48 18.47 5.27
CA PHE B 62 -20.27 18.92 4.60
C PHE B 62 -19.52 19.92 5.46
N SER B 63 -18.21 19.75 5.55
CA SER B 63 -17.38 20.65 6.33
C SER B 63 -15.93 20.63 5.85
N GLY B 64 -15.11 21.48 6.48
CA GLY B 64 -13.73 21.62 6.09
C GLY B 64 -12.88 22.05 7.25
N SER B 65 -11.56 21.99 7.07
CA SER B 65 -10.61 22.38 8.11
C SER B 65 -9.24 22.65 7.48
N GLY B 66 -8.25 22.80 8.34
CA GLY B 66 -6.88 23.00 7.88
C GLY B 66 -6.63 24.46 7.56
N SER B 67 -5.36 24.84 7.53
CA SER B 67 -4.98 26.23 7.31
C SER B 67 -3.56 26.29 6.81
N GLY B 68 -3.15 27.41 6.22
CA GLY B 68 -1.80 27.48 5.71
C GLY B 68 -1.64 26.54 4.53
N THR B 69 -0.77 25.56 4.75
CA THR B 69 -0.41 24.52 3.78
C THR B 69 -1.47 23.39 3.58
N ASP B 70 -1.76 22.64 4.64
CA ASP B 70 -2.67 21.47 4.55
C ASP B 70 -4.11 21.78 4.99
N PHE B 71 -5.08 21.21 4.25
CA PHE B 71 -6.51 21.38 4.54
C PHE B 71 -7.28 20.06 4.35
N THR B 72 -8.37 19.88 5.09
CA THR B 72 -9.21 18.70 4.94
C THR B 72 -10.72 18.99 4.75
N LEU B 73 -11.29 18.64 3.59
CA LEU B 73 -12.76 18.55 3.45
C LEU B 73 -13.27 17.30 4.19
N THR B 74 -14.40 17.42 4.90
CA THR B 74 -15.03 16.25 5.52
C THR B 74 -16.54 16.10 5.26
N ILE B 75 -16.96 14.86 5.03
CA ILE B 75 -18.36 14.48 4.94
C ILE B 75 -18.72 13.51 6.07
N SER B 76 -19.49 13.96 7.05
CA SER B 76 -19.79 13.12 8.22
C SER B 76 -20.52 11.81 7.88
N SER B 77 -21.79 11.93 7.51
CA SER B 77 -22.55 10.77 7.07
C SER B 77 -22.65 10.83 5.58
N LEU B 78 -21.91 9.94 4.92
CA LEU B 78 -21.85 9.98 3.46
C LEU B 78 -23.21 9.60 2.89
N GLU B 79 -23.52 10.15 1.72
CA GLU B 79 -24.79 9.87 1.07
C GLU B 79 -24.55 9.52 -0.40
N PRO B 80 -25.41 8.66 -0.97
CA PRO B 80 -25.28 8.15 -2.34
C PRO B 80 -25.15 9.27 -3.36
N GLU B 81 -25.73 10.41 -3.04
CA GLU B 81 -25.61 11.63 -3.83
C GLU B 81 -24.16 12.14 -3.85
N ASP B 82 -23.48 11.98 -2.73
CA ASP B 82 -22.13 12.54 -2.53
C ASP B 82 -21.02 11.83 -3.31
N PHE B 83 -21.35 10.77 -4.06
CA PHE B 83 -20.30 10.06 -4.78
C PHE B 83 -19.99 10.79 -6.07
N ALA B 84 -18.77 11.32 -6.13
CA ALA B 84 -18.38 12.26 -7.16
C ALA B 84 -16.88 12.52 -7.07
N VAL B 85 -16.39 13.45 -7.89
CA VAL B 85 -14.99 13.83 -7.84
C VAL B 85 -14.85 15.18 -7.15
N TYR B 86 -13.85 15.32 -6.28
CA TYR B 86 -13.68 16.54 -5.49
C TYR B 86 -12.32 17.22 -5.74
N TYR B 87 -12.37 18.47 -6.20
CA TYR B 87 -11.18 19.27 -6.47
C TYR B 87 -11.06 20.39 -5.41
N CYS B 88 -9.85 20.75 -5.00
CA CYS B 88 -9.77 21.98 -4.21
C CYS B 88 -9.31 23.15 -5.07
N GLN B 89 -9.36 24.36 -4.53
CA GLN B 89 -8.89 25.54 -5.25
C GLN B 89 -8.38 26.64 -4.34
N GLN B 90 -7.29 27.29 -4.74
CA GLN B 90 -6.74 28.39 -3.97
C GLN B 90 -7.02 29.76 -4.62
N SER B 91 -7.59 30.66 -3.83
CA SER B 91 -7.79 32.05 -4.24
C SER B 91 -6.69 33.00 -3.75
N SER B 92 -5.65 32.45 -3.13
CA SER B 92 -4.52 33.23 -2.60
C SER B 92 -3.99 34.27 -3.58
N ASN B 93 -3.51 33.78 -4.71
CA ASN B 93 -2.85 34.58 -5.73
C ASN B 93 -3.17 34.05 -7.11
N TRP B 94 -2.42 34.50 -8.11
CA TRP B 94 -2.64 34.10 -9.49
C TRP B 94 -1.44 33.32 -10.04
N PRO B 95 -1.72 32.38 -10.95
CA PRO B 95 -3.05 31.95 -11.37
C PRO B 95 -3.74 31.08 -10.30
N ARG B 96 -5.06 31.22 -10.17
CA ARG B 96 -5.84 30.32 -9.32
C ARG B 96 -5.54 28.89 -9.76
N THR B 97 -5.19 28.01 -8.83
CA THR B 97 -4.85 26.65 -9.23
C THR B 97 -5.68 25.59 -8.50
N PHE B 98 -6.22 24.65 -9.28
CA PHE B 98 -6.99 23.54 -8.74
C PHE B 98 -6.06 22.39 -8.39
N GLY B 99 -6.64 21.28 -7.94
CA GLY B 99 -5.90 20.05 -7.76
C GLY B 99 -6.27 19.06 -8.85
N GLN B 100 -5.66 17.88 -8.84
CA GLN B 100 -6.01 16.83 -9.78
C GLN B 100 -7.37 16.25 -9.43
N GLY B 101 -7.75 16.43 -8.18
CA GLY B 101 -9.04 15.96 -7.69
C GLY B 101 -8.97 14.58 -7.06
N THR B 102 -9.84 14.35 -6.08
CA THR B 102 -9.99 13.05 -5.48
C THR B 102 -11.34 12.50 -5.91
N LYS B 103 -11.39 11.20 -6.20
CA LYS B 103 -12.64 10.56 -6.61
C LYS B 103 -13.22 9.75 -5.46
N VAL B 104 -14.45 10.07 -5.06
CA VAL B 104 -15.09 9.25 -4.05
C VAL B 104 -15.90 8.15 -4.72
N GLU B 105 -15.43 6.93 -4.48
CA GLU B 105 -15.90 5.74 -5.18
C GLU B 105 -16.76 4.91 -4.26
N ILE B 106 -17.76 4.24 -4.84
CA ILE B 106 -18.62 3.37 -4.07
C ILE B 106 -17.86 2.09 -3.72
N LYS B 107 -17.81 1.77 -2.42
CA LYS B 107 -17.12 0.58 -1.94
C LYS B 107 -18.04 -0.63 -1.93
N ARG B 108 -17.62 -1.70 -2.61
CA ARG B 108 -18.38 -2.93 -2.65
C ARG B 108 -17.48 -4.13 -2.32
N THR B 109 -18.06 -5.32 -2.43
CA THR B 109 -17.33 -6.57 -2.25
C THR B 109 -16.34 -6.76 -3.40
N VAL B 110 -15.34 -7.62 -3.21
CA VAL B 110 -14.31 -7.78 -4.23
C VAL B 110 -14.66 -8.88 -5.22
N ALA B 111 -14.91 -8.48 -6.47
CA ALA B 111 -15.26 -9.42 -7.52
C ALA B 111 -14.23 -9.41 -8.64
N ALA B 112 -13.76 -10.60 -9.02
CA ALA B 112 -12.74 -10.74 -10.05
C ALA B 112 -13.36 -10.59 -11.45
N PRO B 113 -12.54 -10.28 -12.46
CA PRO B 113 -13.15 -10.04 -13.78
C PRO B 113 -13.37 -11.28 -14.63
N SER B 114 -13.94 -11.05 -15.81
CA SER B 114 -14.20 -12.09 -16.79
C SER B 114 -13.40 -11.70 -18.00
N VAL B 115 -12.52 -12.58 -18.46
CA VAL B 115 -11.63 -12.21 -19.55
C VAL B 115 -12.08 -12.80 -20.88
N PHE B 116 -12.17 -11.91 -21.88
CA PHE B 116 -12.60 -12.26 -23.21
C PHE B 116 -11.66 -11.67 -24.24
N ILE B 117 -11.34 -12.45 -25.27
CA ILE B 117 -10.41 -11.99 -26.29
C ILE B 117 -11.09 -12.10 -27.67
N PHE B 118 -11.02 -11.01 -28.44
CA PHE B 118 -11.63 -10.95 -29.75
C PHE B 118 -10.59 -10.78 -30.86
N PRO B 119 -10.44 -11.78 -31.73
CA PRO B 119 -9.53 -11.66 -32.88
C PRO B 119 -9.98 -10.56 -33.83
N PRO B 120 -9.05 -10.03 -34.64
CA PRO B 120 -9.38 -8.94 -35.57
C PRO B 120 -10.53 -9.31 -36.51
N SER B 121 -11.47 -8.40 -36.69
CA SER B 121 -12.57 -8.60 -37.62
C SER B 121 -12.04 -9.01 -38.98
N ASP B 122 -12.60 -10.08 -39.54
CA ASP B 122 -12.17 -10.60 -40.84
C ASP B 122 -12.22 -9.47 -41.86
N GLU B 123 -13.29 -8.71 -41.80
CA GLU B 123 -13.51 -7.56 -42.66
C GLU B 123 -12.55 -6.42 -42.38
N GLN B 124 -12.18 -6.24 -41.12
CA GLN B 124 -11.25 -5.16 -40.75
C GLN B 124 -9.92 -5.39 -41.47
N LEU B 125 -9.63 -6.64 -41.76
CA LEU B 125 -8.44 -6.97 -42.52
C LEU B 125 -8.58 -6.52 -43.98
N LYS B 126 -9.78 -6.67 -44.54
CA LYS B 126 -10.05 -6.26 -45.93
C LYS B 126 -9.59 -4.83 -46.14
N SER B 127 -9.61 -4.06 -45.06
CA SER B 127 -9.08 -2.70 -45.05
C SER B 127 -7.56 -2.59 -45.05
N GLY B 128 -6.88 -3.59 -44.49
CA GLY B 128 -5.47 -3.44 -44.18
C GLY B 128 -5.11 -3.06 -42.75
N THR B 129 -5.97 -3.35 -41.79
CA THR B 129 -5.60 -3.18 -40.38
C THR B 129 -6.18 -4.30 -39.48
N ALA B 130 -5.60 -4.50 -38.30
CA ALA B 130 -6.08 -5.51 -37.35
C ALA B 130 -6.24 -4.95 -35.94
N SER B 131 -7.34 -5.29 -35.28
CA SER B 131 -7.57 -4.86 -33.90
C SER B 131 -7.97 -6.03 -33.01
N VAL B 132 -7.19 -6.26 -31.96
CA VAL B 132 -7.51 -7.30 -30.98
C VAL B 132 -8.06 -6.66 -29.71
N VAL B 133 -9.21 -7.12 -29.24
CA VAL B 133 -9.84 -6.56 -28.06
C VAL B 133 -9.86 -7.55 -26.90
N CYS B 134 -9.34 -7.12 -25.75
CA CYS B 134 -9.42 -7.94 -24.55
C CYS B 134 -10.43 -7.31 -23.59
N LEU B 135 -11.58 -7.96 -23.44
CA LEU B 135 -12.68 -7.40 -22.63
C LEU B 135 -12.67 -7.96 -21.22
N LEU B 136 -12.91 -7.07 -20.26
CA LEU B 136 -13.00 -7.43 -18.86
C LEU B 136 -14.34 -6.90 -18.34
N ASN B 137 -15.24 -7.80 -17.95
CA ASN B 137 -16.57 -7.39 -17.52
C ASN B 137 -16.84 -7.63 -16.04
N ASN B 138 -17.44 -6.65 -15.37
CA ASN B 138 -17.95 -6.82 -14.00
C ASN B 138 -16.94 -7.23 -12.93
N PHE B 139 -16.11 -6.29 -12.50
CA PHE B 139 -15.15 -6.55 -11.43
C PHE B 139 -14.97 -5.37 -10.46
N TYR B 140 -14.13 -5.58 -9.44
CA TYR B 140 -13.87 -4.56 -8.41
C TYR B 140 -12.75 -5.03 -7.49
N PRO B 141 -11.83 -4.13 -7.14
CA PRO B 141 -11.75 -2.72 -7.53
C PRO B 141 -11.32 -2.45 -8.97
N ARG B 142 -11.06 -1.18 -9.26
CA ARG B 142 -10.73 -0.73 -10.60
C ARG B 142 -9.34 -1.16 -11.03
N GLU B 143 -8.44 -1.35 -10.08
CA GLU B 143 -7.06 -1.70 -10.40
C GLU B 143 -6.98 -2.95 -11.25
N ALA B 144 -6.39 -2.81 -12.44
CA ALA B 144 -6.19 -3.92 -13.35
C ALA B 144 -4.96 -3.68 -14.21
N LYS B 145 -4.22 -4.73 -14.51
CA LYS B 145 -3.10 -4.64 -15.47
C LYS B 145 -3.34 -5.61 -16.61
N VAL B 146 -3.04 -5.17 -17.82
CA VAL B 146 -3.17 -6.03 -18.98
C VAL B 146 -1.88 -6.01 -19.79
N GLN B 147 -1.18 -7.15 -19.84
CA GLN B 147 0.01 -7.24 -20.66
C GLN B 147 -0.30 -8.01 -21.94
N TRP B 148 0.01 -7.40 -23.08
CA TRP B 148 -0.17 -8.06 -24.36
C TRP B 148 1.07 -8.90 -24.69
N LYS B 149 0.87 -10.18 -24.96
CA LYS B 149 2.00 -11.07 -25.26
C LYS B 149 1.75 -11.77 -26.59
N VAL B 150 2.55 -11.44 -27.61
CA VAL B 150 2.44 -12.10 -28.90
C VAL B 150 3.56 -13.14 -29.07
N ASP B 151 3.20 -14.41 -29.25
CA ASP B 151 4.20 -15.48 -29.40
C ASP B 151 5.22 -15.51 -28.27
N ASN B 152 4.75 -15.53 -27.02
CA ASN B 152 5.64 -15.53 -25.89
C ASN B 152 6.37 -14.17 -25.78
N ALA B 153 6.44 -13.41 -26.88
CA ALA B 153 7.23 -12.19 -26.90
C ALA B 153 6.58 -11.09 -26.10
N LEU B 154 7.40 -10.11 -25.72
CA LEU B 154 6.95 -8.90 -25.07
C LEU B 154 6.09 -8.12 -26.05
N GLN B 155 5.30 -7.19 -25.51
CA GLN B 155 4.85 -6.03 -26.30
C GLN B 155 4.12 -4.96 -25.47
N SER B 156 4.17 -3.74 -26.01
CA SER B 156 3.70 -2.51 -25.39
C SER B 156 4.04 -1.28 -26.24
N GLY B 157 3.35 -0.16 -25.97
CA GLY B 157 3.47 1.03 -26.79
C GLY B 157 2.43 1.01 -27.89
N ASN B 158 1.54 0.03 -27.81
CA ASN B 158 0.56 -0.25 -28.84
C ASN B 158 -0.85 0.10 -28.40
N SER B 159 -1.25 -0.63 -27.36
CA SER B 159 -2.57 -0.65 -26.74
C SER B 159 -3.04 0.65 -26.10
N GLN B 160 -4.36 0.74 -25.97
CA GLN B 160 -5.00 1.80 -25.21
C GLN B 160 -6.17 1.21 -24.45
N GLU B 161 -6.28 1.52 -23.16
CA GLU B 161 -7.40 0.96 -22.40
C GLU B 161 -8.61 1.88 -22.44
N SER B 162 -9.74 1.37 -21.95
CA SER B 162 -10.91 2.19 -21.64
C SER B 162 -11.67 1.52 -20.51
N VAL B 163 -12.21 2.30 -19.58
CA VAL B 163 -13.02 1.72 -18.51
C VAL B 163 -14.32 2.49 -18.33
N THR B 164 -15.44 1.78 -18.37
CA THR B 164 -16.74 2.40 -18.18
C THR B 164 -16.88 2.92 -16.77
N GLU B 165 -17.79 3.87 -16.58
CA GLU B 165 -18.05 4.41 -15.25
C GLU B 165 -18.67 3.32 -14.40
N GLN B 166 -18.62 3.49 -13.08
CA GLN B 166 -19.08 2.48 -12.15
C GLN B 166 -20.54 2.13 -12.33
N ASP B 167 -20.84 0.83 -12.33
CA ASP B 167 -22.19 0.36 -12.56
C ASP B 167 -23.12 0.85 -11.47
N SER B 168 -24.32 1.25 -11.86
CA SER B 168 -25.33 1.76 -10.95
C SER B 168 -25.67 0.77 -9.83
N LYS B 169 -26.25 -0.35 -10.22
CA LYS B 169 -26.67 -1.37 -9.27
C LYS B 169 -25.47 -2.17 -8.76
N ASP B 170 -24.80 -2.85 -9.69
CA ASP B 170 -23.70 -3.77 -9.43
C ASP B 170 -22.48 -3.15 -8.72
N SER B 171 -22.21 -1.89 -9.01
CA SER B 171 -21.06 -1.15 -8.46
C SER B 171 -19.69 -1.68 -8.95
N THR B 172 -19.65 -2.28 -10.14
CA THR B 172 -18.40 -2.80 -10.68
C THR B 172 -18.01 -2.08 -11.97
N TYR B 173 -16.74 -2.16 -12.33
CA TYR B 173 -16.27 -1.54 -13.57
C TYR B 173 -16.18 -2.53 -14.72
N SER B 174 -15.85 -2.02 -15.90
CA SER B 174 -15.55 -2.85 -17.06
C SER B 174 -14.45 -2.18 -17.86
N LEU B 175 -13.45 -2.97 -18.28
CA LEU B 175 -12.32 -2.44 -19.03
C LEU B 175 -12.16 -3.16 -20.38
N SER B 176 -11.88 -2.41 -21.44
CA SER B 176 -11.58 -3.02 -22.73
C SER B 176 -10.29 -2.45 -23.32
N SER B 177 -9.26 -3.29 -23.40
CA SER B 177 -7.98 -2.93 -24.01
C SER B 177 -7.94 -3.38 -25.46
N THR B 178 -7.57 -2.47 -26.35
CA THR B 178 -7.51 -2.78 -27.77
C THR B 178 -6.06 -2.82 -28.24
N LEU B 179 -5.77 -3.74 -29.16
CA LEU B 179 -4.44 -3.86 -29.72
C LEU B 179 -4.55 -3.72 -31.23
N THR B 180 -4.05 -2.61 -31.78
CA THR B 180 -4.16 -2.38 -33.22
C THR B 180 -2.82 -2.52 -33.91
N LEU B 181 -2.72 -3.50 -34.79
CA LEU B 181 -1.50 -3.80 -35.52
C LEU B 181 -1.75 -3.73 -37.02
N SER B 182 -0.71 -3.39 -37.78
CA SER B 182 -0.79 -3.42 -39.23
C SER B 182 -1.20 -4.81 -39.67
N LYS B 183 -2.01 -4.88 -40.71
CA LYS B 183 -2.47 -6.17 -41.25
C LYS B 183 -1.31 -7.10 -41.60
N ALA B 184 -0.17 -6.51 -41.91
CA ALA B 184 1.00 -7.29 -42.28
C ALA B 184 1.60 -7.97 -41.07
N ASP B 185 2.12 -7.18 -40.13
CA ASP B 185 2.78 -7.69 -38.92
C ASP B 185 1.88 -8.64 -38.15
N TYR B 186 0.58 -8.37 -38.18
CA TYR B 186 -0.38 -9.27 -37.57
C TYR B 186 -0.28 -10.68 -38.13
N GLU B 187 -0.19 -10.79 -39.46
CA GLU B 187 -0.15 -12.09 -40.11
C GLU B 187 1.18 -12.83 -39.92
N LYS B 188 2.25 -12.14 -39.55
CA LYS B 188 3.56 -12.80 -39.49
C LYS B 188 3.84 -13.45 -38.13
N HIS B 189 2.87 -13.37 -37.20
CA HIS B 189 2.96 -14.06 -35.89
C HIS B 189 1.91 -15.18 -35.70
N LYS B 190 1.93 -15.86 -34.54
CA LYS B 190 1.07 -17.04 -34.30
C LYS B 190 -0.02 -16.86 -33.23
N VAL B 191 0.38 -16.69 -31.96
CA VAL B 191 -0.58 -16.63 -30.86
C VAL B 191 -0.75 -15.21 -30.32
N TYR B 192 -1.98 -14.84 -29.96
CA TYR B 192 -2.23 -13.53 -29.36
C TYR B 192 -2.85 -13.68 -27.98
N ALA B 193 -2.09 -13.32 -26.96
CA ALA B 193 -2.48 -13.58 -25.59
C ALA B 193 -2.71 -12.30 -24.80
N CYS B 194 -3.71 -12.32 -23.91
CA CYS B 194 -3.98 -11.21 -23.02
C CYS B 194 -3.79 -11.62 -21.56
N GLU B 195 -2.75 -11.08 -20.92
CA GLU B 195 -2.46 -11.39 -19.51
C GLU B 195 -3.03 -10.32 -18.59
N VAL B 196 -3.91 -10.73 -17.66
CA VAL B 196 -4.56 -9.75 -16.80
C VAL B 196 -4.28 -10.03 -15.33
N THR B 197 -4.20 -8.97 -14.52
CA THR B 197 -3.92 -9.09 -13.09
C THR B 197 -4.87 -8.25 -12.29
N HIS B 198 -5.58 -8.87 -11.36
CA HIS B 198 -6.54 -8.14 -10.57
C HIS B 198 -6.51 -8.62 -9.13
N GLN B 199 -6.83 -7.72 -8.21
CA GLN B 199 -6.80 -8.01 -6.78
C GLN B 199 -7.81 -9.11 -6.41
N GLY B 200 -8.72 -9.40 -7.33
CA GLY B 200 -9.65 -10.49 -7.18
C GLY B 200 -9.15 -11.79 -7.81
N LEU B 201 -8.03 -11.72 -8.52
CA LEU B 201 -7.51 -12.91 -9.21
C LEU B 201 -6.47 -13.67 -8.38
N SER B 202 -6.81 -14.92 -8.04
CA SER B 202 -5.93 -15.81 -7.28
C SER B 202 -4.60 -16.03 -7.97
N SER B 203 -4.58 -15.73 -9.26
CA SER B 203 -3.40 -15.92 -10.10
C SER B 203 -3.76 -15.36 -11.45
N PRO B 204 -2.83 -14.58 -12.04
CA PRO B 204 -3.12 -13.85 -13.27
C PRO B 204 -3.52 -14.78 -14.41
N VAL B 205 -4.66 -14.49 -15.03
CA VAL B 205 -5.20 -15.37 -16.06
C VAL B 205 -4.93 -14.78 -17.44
N THR B 206 -4.68 -15.65 -18.41
CA THR B 206 -4.35 -15.21 -19.75
C THR B 206 -5.23 -15.87 -20.81
N LYS B 207 -5.93 -15.04 -21.58
CA LYS B 207 -6.74 -15.51 -22.69
C LYS B 207 -5.96 -15.40 -23.99
N SER B 208 -6.10 -16.37 -24.88
CA SER B 208 -5.36 -16.34 -26.14
C SER B 208 -6.03 -17.14 -27.26
N PHE B 209 -5.41 -17.11 -28.42
CA PHE B 209 -5.87 -17.87 -29.59
C PHE B 209 -4.76 -17.93 -30.62
N ASN B 210 -5.03 -18.62 -31.73
CA ASN B 210 -4.07 -18.70 -32.82
C ASN B 210 -4.68 -18.09 -34.07
N ARG B 211 -3.85 -17.54 -34.96
CA ARG B 211 -4.34 -16.93 -36.18
C ARG B 211 -5.30 -17.82 -36.98
N GLY B 212 -4.96 -19.09 -37.06
CA GLY B 212 -5.79 -20.05 -37.78
C GLY B 212 -7.17 -20.16 -37.16
N VAL C 2 19.84 -38.18 7.42
CA VAL C 2 20.53 -37.11 8.13
C VAL C 2 19.60 -36.28 9.02
N GLN C 3 19.72 -36.46 10.34
CA GLN C 3 18.88 -35.71 11.30
C GLN C 3 19.53 -35.53 12.68
N LEU C 4 19.11 -34.47 13.37
CA LEU C 4 19.38 -34.28 14.78
C LEU C 4 18.10 -33.86 15.51
N VAL C 5 17.59 -34.71 16.40
CA VAL C 5 16.37 -34.37 17.15
C VAL C 5 16.72 -33.86 18.54
N GLU C 6 15.98 -32.84 18.98
CA GLU C 6 16.27 -32.19 20.24
C GLU C 6 15.08 -32.26 21.17
N SER C 7 15.29 -32.87 22.34
CA SER C 7 14.21 -33.11 23.26
C SER C 7 14.62 -32.81 24.70
N GLY C 8 13.63 -32.60 25.56
CA GLY C 8 13.90 -32.43 26.97
C GLY C 8 13.86 -30.98 27.45
N GLY C 9 13.37 -30.08 26.61
CA GLY C 9 13.20 -28.68 27.01
C GLY C 9 11.77 -28.41 27.47
N GLY C 10 11.53 -27.29 28.14
CA GLY C 10 10.20 -26.95 28.65
C GLY C 10 10.10 -25.79 29.64
N VAL C 11 8.98 -25.67 30.37
CA VAL C 11 8.70 -24.57 31.30
C VAL C 11 9.12 -24.91 32.71
N VAL C 12 9.69 -23.94 33.46
CA VAL C 12 9.94 -24.15 34.89
C VAL C 12 10.72 -23.03 35.68
N GLN C 13 10.56 -23.08 37.01
CA GLN C 13 11.07 -22.10 38.01
C GLN C 13 12.58 -22.14 38.30
N PRO C 14 13.20 -20.99 38.59
CA PRO C 14 14.66 -20.86 38.73
C PRO C 14 15.33 -21.81 39.73
N GLY C 15 16.64 -22.01 39.58
CA GLY C 15 17.44 -22.73 40.55
C GLY C 15 17.46 -24.22 40.38
N ARG C 16 16.56 -24.73 39.54
CA ARG C 16 16.42 -26.14 39.21
C ARG C 16 17.39 -26.61 38.17
N SER C 17 17.10 -27.79 37.64
CA SER C 17 17.93 -28.38 36.61
C SER C 17 17.15 -29.15 35.52
N LEU C 18 17.56 -28.94 34.26
CA LEU C 18 17.03 -29.67 33.11
C LEU C 18 18.17 -30.19 32.22
N ARG C 19 18.04 -31.40 31.71
CA ARG C 19 19.03 -31.82 30.73
C ARG C 19 18.36 -31.99 29.36
N LEU C 20 19.07 -31.52 28.33
CA LEU C 20 18.62 -31.63 26.94
C LEU C 20 19.29 -32.80 26.25
N ASP C 21 18.48 -33.61 25.59
CA ASP C 21 18.99 -34.76 24.86
C ASP C 21 18.94 -34.53 23.37
N CYS C 22 20.10 -34.48 22.74
CA CYS C 22 20.15 -34.30 21.30
C CYS C 22 20.41 -35.64 20.62
N LYS C 23 19.38 -36.16 19.97
CA LYS C 23 19.47 -37.44 19.28
C LYS C 23 19.89 -37.25 17.84
N ALA C 24 20.86 -38.05 17.40
CA ALA C 24 21.36 -37.96 16.03
C ALA C 24 21.39 -39.32 15.37
N SER C 25 21.02 -39.38 14.09
CA SER C 25 20.98 -40.63 13.35
C SER C 25 21.12 -40.43 11.85
N GLY C 26 21.42 -41.51 11.14
CA GLY C 26 21.55 -41.49 9.69
C GLY C 26 22.93 -41.07 9.22
N ILE C 27 23.74 -40.66 10.19
CA ILE C 27 25.11 -40.16 10.00
C ILE C 27 25.99 -40.97 10.93
N THR C 28 27.27 -40.61 11.04
CA THR C 28 28.11 -41.12 12.10
C THR C 28 28.34 -40.00 13.12
N PHE C 29 27.67 -40.10 14.27
CA PHE C 29 27.70 -39.08 15.32
C PHE C 29 29.07 -39.05 15.98
N SER C 30 29.61 -40.24 16.19
CA SER C 30 30.87 -40.44 16.93
C SER C 30 32.01 -39.58 16.41
N ASN C 31 32.13 -39.52 15.08
CA ASN C 31 33.29 -38.92 14.45
C ASN C 31 33.16 -37.40 14.33
N SER C 32 32.08 -36.84 14.88
CA SER C 32 31.88 -35.39 14.82
C SER C 32 31.68 -34.73 16.20
N GLY C 33 32.38 -33.62 16.40
CA GLY C 33 32.22 -32.80 17.59
C GLY C 33 30.93 -32.03 17.55
N MET C 34 30.21 -31.99 18.67
CA MET C 34 28.89 -31.38 18.69
C MET C 34 28.86 -29.98 19.29
N HIS C 35 27.70 -29.34 19.22
CA HIS C 35 27.55 -27.96 19.66
C HIS C 35 26.18 -27.70 20.29
N TRP C 36 26.08 -26.59 21.01
CA TRP C 36 24.81 -26.11 21.52
C TRP C 36 24.74 -24.61 21.28
N VAL C 37 23.64 -24.15 20.69
CA VAL C 37 23.46 -22.71 20.47
C VAL C 37 22.04 -22.31 20.85
N ARG C 38 21.91 -21.31 21.71
CA ARG C 38 20.61 -20.84 22.15
C ARG C 38 20.26 -19.51 21.49
N GLN C 39 18.97 -19.32 21.23
CA GLN C 39 18.50 -18.05 20.73
C GLN C 39 17.42 -17.54 21.66
N ALA C 40 17.74 -16.47 22.39
CA ALA C 40 16.79 -15.90 23.33
C ALA C 40 15.62 -15.34 22.52
N PRO C 41 14.40 -15.39 23.08
CA PRO C 41 13.24 -14.98 22.28
C PRO C 41 13.42 -13.59 21.68
N GLY C 42 13.27 -13.49 20.37
CA GLY C 42 13.44 -12.22 19.67
C GLY C 42 14.87 -11.66 19.62
N LYS C 43 15.86 -12.48 19.97
CA LYS C 43 17.25 -12.03 19.96
C LYS C 43 18.12 -12.97 19.14
N GLY C 44 19.36 -12.55 18.85
CA GLY C 44 20.24 -13.31 17.97
C GLY C 44 20.78 -14.59 18.56
N LEU C 45 21.65 -15.25 17.81
CA LEU C 45 22.24 -16.52 18.25
C LEU C 45 23.33 -16.32 19.29
N GLU C 46 23.51 -17.32 20.15
CA GLU C 46 24.58 -17.31 21.12
C GLU C 46 25.21 -18.70 21.25
N TRP C 47 26.52 -18.82 21.07
CA TRP C 47 27.17 -20.12 21.21
C TRP C 47 27.09 -20.54 22.67
N VAL C 48 26.51 -21.70 22.93
CA VAL C 48 26.37 -22.17 24.30
C VAL C 48 27.60 -22.97 24.73
N ALA C 49 27.81 -24.10 24.09
CA ALA C 49 28.95 -24.94 24.44
C ALA C 49 29.38 -25.86 23.30
N VAL C 50 30.60 -26.37 23.40
CA VAL C 50 31.19 -27.23 22.39
C VAL C 50 31.66 -28.52 23.08
N ILE C 51 31.80 -29.58 22.28
CA ILE C 51 32.36 -30.84 22.75
C ILE C 51 33.08 -31.48 21.57
N TRP C 52 34.13 -32.24 21.85
CA TRP C 52 34.84 -32.88 20.74
C TRP C 52 34.37 -34.32 20.63
N TYR C 53 34.82 -35.01 19.59
CA TYR C 53 34.17 -36.24 19.15
C TYR C 53 34.29 -37.32 20.21
N ASP C 54 35.48 -37.40 20.80
CA ASP C 54 35.83 -38.37 21.84
C ASP C 54 35.81 -37.92 23.32
N GLY C 55 35.11 -36.84 23.68
CA GLY C 55 35.38 -36.27 24.99
C GLY C 55 36.58 -35.36 24.80
N SER C 56 37.75 -35.69 25.33
CA SER C 56 38.90 -34.82 25.07
C SER C 56 38.66 -33.46 25.69
N LYS C 57 38.45 -32.45 24.84
CA LYS C 57 38.21 -31.11 25.33
C LYS C 57 36.73 -30.70 25.21
N ARG C 58 36.29 -29.85 26.13
CA ARG C 58 35.00 -29.18 26.05
C ARG C 58 35.13 -27.75 26.56
N TYR C 59 34.50 -26.82 25.84
CA TYR C 59 34.46 -25.42 26.24
C TYR C 59 33.02 -24.95 26.45
N TYR C 60 32.85 -23.93 27.29
CA TYR C 60 31.53 -23.39 27.60
C TYR C 60 31.44 -21.88 27.37
N ALA C 61 30.21 -21.38 27.19
CA ALA C 61 29.98 -19.95 27.16
C ALA C 61 30.18 -19.38 28.55
N ASP C 62 30.90 -18.27 28.65
CA ASP C 62 31.25 -17.66 29.93
C ASP C 62 30.04 -17.45 30.84
N SER C 63 28.93 -17.05 30.24
CA SER C 63 27.70 -16.82 30.99
C SER C 63 27.19 -18.10 31.65
N VAL C 64 27.38 -19.23 30.98
CA VAL C 64 26.91 -20.50 31.53
C VAL C 64 27.97 -21.38 32.22
N LYS C 65 29.24 -20.96 32.26
CA LYS C 65 30.27 -21.81 32.85
C LYS C 65 29.99 -22.11 34.32
N GLY C 66 30.01 -23.39 34.67
CA GLY C 66 29.81 -23.81 36.05
C GLY C 66 28.39 -24.20 36.39
N ARG C 67 27.44 -23.71 35.59
CA ARG C 67 26.04 -24.11 35.74
C ARG C 67 25.75 -25.22 34.75
N PHE C 68 25.85 -24.86 33.47
CA PHE C 68 25.63 -25.77 32.36
C PHE C 68 26.74 -26.82 32.28
N THR C 69 26.43 -27.97 31.69
CA THR C 69 27.42 -29.00 31.45
C THR C 69 27.07 -29.81 30.19
N ILE C 70 28.09 -30.21 29.43
CA ILE C 70 27.86 -30.96 28.19
C ILE C 70 28.43 -32.37 28.28
N SER C 71 27.78 -33.34 27.64
CA SER C 71 28.36 -34.67 27.46
C SER C 71 27.70 -35.45 26.32
N ARG C 72 28.24 -36.63 26.02
CA ARG C 72 27.79 -37.45 24.91
C ARG C 72 28.05 -38.94 25.19
N ASP C 73 27.20 -39.80 24.64
CA ASP C 73 27.46 -41.24 24.66
C ASP C 73 27.29 -41.75 23.23
N ASN C 74 28.39 -42.15 22.62
CA ASN C 74 28.40 -42.43 21.18
C ASN C 74 27.78 -43.77 20.85
N SER C 75 27.84 -44.70 21.79
CA SER C 75 27.13 -45.97 21.65
C SER C 75 25.65 -45.69 21.42
N LYS C 76 25.16 -44.63 22.05
CA LYS C 76 23.76 -44.24 21.93
C LYS C 76 23.48 -43.11 20.93
N ASN C 77 24.54 -42.56 20.33
CA ASN C 77 24.43 -41.43 19.41
C ASN C 77 23.62 -40.26 19.96
N THR C 78 23.89 -39.87 21.21
CA THR C 78 23.11 -38.82 21.84
C THR C 78 23.98 -37.75 22.47
N LEU C 79 23.65 -36.50 22.20
CA LEU C 79 24.31 -35.38 22.86
C LEU C 79 23.49 -34.96 24.07
N PHE C 80 24.17 -34.61 25.16
CA PHE C 80 23.51 -34.21 26.39
C PHE C 80 23.92 -32.80 26.81
N LEU C 81 22.99 -32.04 27.37
CA LEU C 81 23.34 -30.79 28.04
C LEU C 81 22.68 -30.78 29.40
N GLN C 82 23.48 -30.81 30.46
CA GLN C 82 22.93 -30.75 31.81
C GLN C 82 22.92 -29.30 32.24
N MET C 83 21.72 -28.74 32.32
CA MET C 83 21.55 -27.36 32.73
C MET C 83 21.21 -27.33 34.20
N ASN C 84 22.02 -26.60 34.96
CA ASN C 84 21.83 -26.46 36.39
C ASN C 84 21.70 -24.98 36.74
N SER C 85 21.01 -24.69 37.84
CA SER C 85 20.84 -23.34 38.35
C SER C 85 20.36 -22.38 37.25
N LEU C 86 19.16 -22.62 36.73
CA LEU C 86 18.65 -21.85 35.61
C LEU C 86 18.19 -20.47 36.05
N ARG C 87 18.46 -19.48 35.19
CA ARG C 87 18.05 -18.12 35.46
C ARG C 87 16.99 -17.73 34.45
N ALA C 88 16.40 -16.55 34.59
CA ALA C 88 15.38 -16.10 33.67
C ALA C 88 16.01 -15.74 32.33
N GLU C 89 17.32 -15.49 32.37
CA GLU C 89 18.08 -15.12 31.20
C GLU C 89 18.47 -16.35 30.37
N ASP C 90 18.15 -17.52 30.90
CA ASP C 90 18.41 -18.77 30.21
C ASP C 90 17.33 -19.11 29.20
N THR C 91 16.19 -18.42 29.31
CA THR C 91 15.07 -18.67 28.40
C THR C 91 15.49 -18.44 26.95
N ALA C 92 15.31 -19.49 26.15
CA ALA C 92 15.77 -19.50 24.77
C ALA C 92 15.44 -20.82 24.08
N VAL C 93 15.70 -20.87 22.77
CA VAL C 93 15.64 -22.11 22.02
C VAL C 93 17.04 -22.64 21.80
N TYR C 94 17.35 -23.79 22.37
CA TYR C 94 18.69 -24.37 22.24
C TYR C 94 18.75 -25.31 21.03
N TYR C 95 19.74 -25.08 20.16
CA TYR C 95 19.97 -25.92 18.98
C TYR C 95 21.22 -26.78 19.14
N CYS C 96 21.22 -27.99 18.62
CA CYS C 96 22.46 -28.77 18.62
C CYS C 96 22.94 -29.04 17.20
N ALA C 97 24.14 -28.57 16.89
CA ALA C 97 24.69 -28.74 15.56
C ALA C 97 26.07 -29.36 15.61
N THR C 98 26.50 -29.87 14.46
CA THR C 98 27.83 -30.42 14.38
C THR C 98 28.78 -29.32 13.95
N ASN C 99 30.07 -29.66 13.93
CA ASN C 99 31.09 -28.78 13.41
C ASN C 99 31.17 -28.89 11.90
N ASP C 100 30.38 -29.83 11.37
CA ASP C 100 29.92 -29.84 9.98
C ASP C 100 28.71 -28.91 9.73
N ASP C 101 28.13 -28.39 10.82
CA ASP C 101 26.89 -27.57 10.82
C ASP C 101 25.65 -28.28 10.22
N TYR C 102 25.38 -29.48 10.73
CA TYR C 102 24.07 -30.12 10.58
C TYR C 102 23.26 -29.65 11.79
N TRP C 103 22.22 -28.84 11.57
CA TRP C 103 21.45 -28.29 12.69
C TRP C 103 20.09 -28.96 12.87
N GLY C 104 19.69 -29.05 14.13
CA GLY C 104 18.43 -29.67 14.48
C GLY C 104 17.27 -28.70 14.58
N GLN C 105 16.11 -29.27 14.86
CA GLN C 105 14.88 -28.53 15.06
C GLN C 105 14.99 -27.36 16.03
N GLY C 106 15.68 -27.61 17.14
CA GLY C 106 15.78 -26.66 18.24
C GLY C 106 14.71 -26.98 19.26
N THR C 107 15.04 -26.81 20.53
CA THR C 107 14.09 -27.10 21.60
C THR C 107 13.93 -25.87 22.47
N LEU C 108 12.72 -25.62 22.95
CA LEU C 108 12.48 -24.41 23.70
C LEU C 108 12.62 -24.61 25.20
N VAL C 109 13.24 -23.64 25.86
CA VAL C 109 13.34 -23.62 27.30
C VAL C 109 12.84 -22.30 27.84
N THR C 110 12.00 -22.39 28.87
CA THR C 110 11.42 -21.21 29.49
C THR C 110 11.64 -21.27 31.00
N VAL C 111 12.44 -20.36 31.52
CA VAL C 111 12.69 -20.34 32.96
C VAL C 111 11.89 -19.23 33.60
N SER C 112 10.89 -19.60 34.38
CA SER C 112 9.97 -18.62 34.94
C SER C 112 9.45 -18.97 36.32
N SER C 113 9.32 -17.96 37.15
CA SER C 113 8.75 -18.11 38.48
C SER C 113 7.25 -18.34 38.43
N ALA C 114 6.57 -17.63 37.54
CA ALA C 114 5.11 -17.70 37.47
C ALA C 114 4.64 -19.06 37.00
N SER C 115 3.40 -19.38 37.30
CA SER C 115 2.81 -20.66 36.97
C SER C 115 1.61 -20.39 36.07
N THR C 116 1.11 -21.43 35.44
CA THR C 116 0.11 -21.32 34.38
C THR C 116 -1.11 -20.51 34.82
N LYS C 117 -1.64 -19.68 33.92
CA LYS C 117 -2.83 -18.89 34.22
C LYS C 117 -3.61 -18.57 32.93
N GLY C 118 -4.91 -18.36 33.08
CA GLY C 118 -5.75 -18.00 31.95
C GLY C 118 -5.74 -16.52 31.62
N PRO C 119 -5.90 -16.19 30.33
CA PRO C 119 -5.89 -14.79 29.90
C PRO C 119 -7.18 -14.05 30.24
N SER C 120 -7.09 -12.74 30.46
CA SER C 120 -8.29 -11.95 30.68
C SER C 120 -8.59 -11.22 29.38
N VAL C 121 -9.65 -11.66 28.70
CA VAL C 121 -9.96 -11.13 27.38
C VAL C 121 -10.82 -9.88 27.52
N PHE C 122 -10.43 -8.84 26.79
CA PHE C 122 -11.11 -7.55 26.88
C PHE C 122 -11.39 -7.03 25.49
N PRO C 123 -12.58 -6.42 25.30
CA PRO C 123 -12.94 -5.83 24.01
C PRO C 123 -12.13 -4.57 23.74
N LEU C 124 -11.61 -4.42 22.54
CA LEU C 124 -11.09 -3.13 22.12
C LEU C 124 -12.19 -2.58 21.24
N ALA C 125 -12.95 -1.63 21.76
CA ALA C 125 -14.17 -1.20 21.08
C ALA C 125 -13.84 -0.12 20.06
N PRO C 126 -14.39 -0.25 18.83
CA PRO C 126 -14.12 0.64 17.70
C PRO C 126 -14.90 1.97 17.76
N SER C 127 -15.03 2.69 16.64
CA SER C 127 -15.60 4.06 16.41
C SER C 127 -14.70 5.31 16.29
N SER C 128 -13.37 5.23 16.50
CA SER C 128 -12.43 6.39 16.21
C SER C 128 -11.09 6.39 16.97
N GLY C 134 -11.60 5.29 5.98
CA GLY C 134 -12.26 4.28 5.18
C GLY C 134 -13.04 3.31 6.05
N THR C 135 -12.32 2.49 6.81
CA THR C 135 -12.93 1.43 7.60
C THR C 135 -12.72 1.60 9.10
N ALA C 136 -13.29 0.67 9.86
CA ALA C 136 -13.26 0.72 11.32
C ALA C 136 -12.35 -0.37 11.88
N ALA C 137 -11.72 -0.11 13.00
CA ALA C 137 -10.83 -1.10 13.60
C ALA C 137 -11.20 -1.42 15.05
N LEU C 138 -11.30 -2.71 15.33
CA LEU C 138 -11.60 -3.22 16.67
C LEU C 138 -10.71 -4.41 16.99
N GLY C 139 -10.67 -4.82 18.26
CA GLY C 139 -9.89 -5.97 18.61
C GLY C 139 -10.12 -6.55 19.99
N CYS C 140 -9.33 -7.57 20.33
CA CYS C 140 -9.39 -8.18 21.64
C CYS C 140 -8.09 -7.98 22.40
N LEU C 141 -8.22 -7.72 23.70
CA LEU C 141 -7.06 -7.59 24.56
C LEU C 141 -6.92 -8.85 25.40
N VAL C 142 -5.89 -9.63 25.11
CA VAL C 142 -5.66 -10.89 25.81
C VAL C 142 -4.60 -10.67 26.87
N LYS C 143 -5.00 -10.69 28.14
CA LYS C 143 -4.14 -10.19 29.20
C LYS C 143 -3.66 -11.17 30.24
N ASP C 144 -2.41 -10.96 30.67
CA ASP C 144 -1.81 -11.69 31.78
C ASP C 144 -2.09 -13.19 31.71
N TYR C 145 -1.51 -13.82 30.70
CA TYR C 145 -1.58 -15.27 30.54
C TYR C 145 -0.17 -15.83 30.50
N PHE C 146 -0.05 -17.14 30.68
CA PHE C 146 1.23 -17.82 30.74
C PHE C 146 1.00 -19.32 30.84
N PRO C 147 1.83 -20.11 30.13
CA PRO C 147 2.78 -19.55 29.16
C PRO C 147 2.17 -19.49 27.76
N GLU C 148 3.00 -19.14 26.77
CA GLU C 148 2.60 -19.14 25.37
C GLU C 148 2.31 -20.57 24.87
N PRO C 149 1.64 -20.72 23.72
CA PRO C 149 1.02 -19.69 22.87
C PRO C 149 -0.47 -19.50 23.15
N VAL C 150 -1.09 -18.57 22.43
CA VAL C 150 -2.53 -18.34 22.50
C VAL C 150 -3.08 -18.17 21.08
N THR C 151 -4.13 -18.92 20.77
CA THR C 151 -4.74 -18.91 19.45
C THR C 151 -5.94 -17.97 19.41
N VAL C 152 -5.85 -16.91 18.61
CA VAL C 152 -6.99 -16.02 18.46
C VAL C 152 -7.55 -16.09 17.05
N SER C 153 -8.82 -16.45 16.96
CA SER C 153 -9.53 -16.52 15.69
C SER C 153 -10.66 -15.51 15.72
N TRP C 154 -11.45 -15.42 14.66
CA TRP C 154 -12.59 -14.52 14.66
C TRP C 154 -13.81 -15.15 14.00
N ASN C 155 -14.92 -15.11 14.74
CA ASN C 155 -16.16 -15.76 14.34
C ASN C 155 -15.89 -17.23 14.05
N SER C 156 -15.14 -17.84 14.97
CA SER C 156 -14.62 -19.20 14.83
C SER C 156 -14.02 -19.42 13.46
N GLY C 157 -12.99 -18.66 13.11
CA GLY C 157 -12.28 -18.85 11.86
C GLY C 157 -12.97 -18.35 10.59
N ALA C 158 -14.25 -18.05 10.67
CA ALA C 158 -14.98 -17.57 9.48
C ALA C 158 -14.36 -16.30 8.94
N LEU C 159 -13.94 -15.43 9.84
CA LEU C 159 -13.24 -14.20 9.48
C LEU C 159 -11.74 -14.44 9.37
N THR C 160 -11.18 -14.09 8.22
CA THR C 160 -9.76 -14.33 7.97
C THR C 160 -8.96 -13.06 7.66
N SER C 161 -9.10 -12.54 6.45
CA SER C 161 -8.24 -11.45 6.00
C SER C 161 -8.48 -10.17 6.81
N GLY C 162 -7.43 -9.38 6.97
CA GLY C 162 -7.51 -8.16 7.76
C GLY C 162 -7.15 -8.35 9.21
N VAL C 163 -7.06 -9.61 9.65
CA VAL C 163 -6.76 -9.89 11.05
C VAL C 163 -5.30 -9.57 11.36
N HIS C 164 -5.05 -8.98 12.53
CA HIS C 164 -3.69 -8.77 12.98
C HIS C 164 -3.52 -9.30 14.40
N THR C 165 -2.71 -10.35 14.54
CA THR C 165 -2.37 -10.86 15.86
C THR C 165 -0.93 -10.51 16.17
N PHE C 166 -0.75 -9.69 17.20
CA PHE C 166 0.57 -9.20 17.56
C PHE C 166 1.32 -10.21 18.42
N PRO C 167 2.65 -10.25 18.28
CA PRO C 167 3.47 -11.14 19.12
C PRO C 167 3.22 -10.90 20.61
N ALA C 168 3.33 -11.95 21.39
CA ALA C 168 3.17 -11.86 22.83
C ALA C 168 4.31 -11.05 23.42
N VAL C 169 4.12 -10.51 24.61
CA VAL C 169 5.18 -9.77 25.26
C VAL C 169 5.26 -10.18 26.72
N LEU C 170 6.48 -10.25 27.25
CA LEU C 170 6.64 -10.69 28.63
C LEU C 170 6.56 -9.45 29.50
N GLN C 171 5.45 -9.32 30.21
CA GLN C 171 5.22 -8.17 31.07
C GLN C 171 6.03 -8.35 32.35
N SER C 172 6.24 -7.24 33.06
CA SER C 172 6.96 -7.26 34.32
C SER C 172 6.39 -8.30 35.28
N SER C 173 5.10 -8.59 35.15
CA SER C 173 4.44 -9.59 35.97
C SER C 173 5.02 -10.99 35.77
N GLY C 174 5.76 -11.17 34.68
CA GLY C 174 6.22 -12.50 34.30
C GLY C 174 5.14 -13.20 33.51
N LEU C 175 4.03 -12.49 33.31
CA LEU C 175 2.91 -12.99 32.52
C LEU C 175 2.93 -12.37 31.13
N TYR C 176 2.55 -13.13 30.11
CA TYR C 176 2.45 -12.54 28.78
C TYR C 176 1.14 -11.80 28.61
N SER C 177 0.97 -11.18 27.45
CA SER C 177 -0.28 -10.57 27.01
C SER C 177 -0.11 -10.02 25.60
N LEU C 178 -1.22 -9.82 24.90
CA LEU C 178 -1.18 -9.35 23.52
C LEU C 178 -2.56 -8.89 23.07
N SER C 179 -2.61 -8.38 21.85
CA SER C 179 -3.84 -7.87 21.30
C SER C 179 -4.06 -8.44 19.91
N SER C 180 -5.28 -8.87 19.64
CA SER C 180 -5.70 -9.27 18.30
C SER C 180 -6.70 -8.26 17.79
N VAL C 181 -6.42 -7.69 16.61
CA VAL C 181 -7.27 -6.65 16.02
C VAL C 181 -7.60 -6.95 14.56
N VAL C 182 -8.74 -6.45 14.09
CA VAL C 182 -9.05 -6.58 12.67
C VAL C 182 -9.77 -5.34 12.13
N THR C 183 -9.31 -4.82 10.99
CA THR C 183 -10.01 -3.72 10.32
C THR C 183 -11.19 -4.29 9.53
N VAL C 184 -12.38 -3.72 9.77
CA VAL C 184 -13.60 -4.13 9.07
C VAL C 184 -14.25 -2.89 8.48
N PRO C 185 -15.06 -3.06 7.41
CA PRO C 185 -15.76 -1.89 6.85
C PRO C 185 -16.53 -1.13 7.92
N SER C 186 -16.39 0.19 7.95
CA SER C 186 -16.97 1.02 9.01
C SER C 186 -18.44 0.72 9.28
N SER C 187 -19.29 0.95 8.28
CA SER C 187 -20.74 0.85 8.44
C SER C 187 -21.22 -0.58 8.74
N SER C 188 -20.31 -1.55 8.75
CA SER C 188 -20.65 -2.94 9.03
C SER C 188 -20.77 -3.22 10.53
N LEU C 189 -20.65 -2.16 11.33
CA LEU C 189 -20.76 -2.26 12.79
C LEU C 189 -22.16 -2.64 13.29
N GLY C 190 -23.20 -2.02 12.71
CA GLY C 190 -24.57 -2.27 13.15
C GLY C 190 -25.19 -3.48 12.48
N THR C 191 -24.55 -3.97 11.44
CA THR C 191 -25.04 -5.11 10.68
C THR C 191 -24.41 -6.42 11.17
N GLN C 192 -23.09 -6.53 11.05
CA GLN C 192 -22.39 -7.76 11.39
C GLN C 192 -21.80 -7.75 12.80
N THR C 193 -21.88 -8.89 13.48
CA THR C 193 -21.36 -9.05 14.84
C THR C 193 -19.98 -9.71 14.81
N TYR C 194 -19.09 -9.27 15.69
CA TYR C 194 -17.72 -9.77 15.68
C TYR C 194 -17.29 -10.36 17.01
N ILE C 195 -16.71 -11.56 16.94
CA ILE C 195 -16.25 -12.28 18.11
C ILE C 195 -14.87 -12.89 17.89
N CYS C 196 -13.95 -12.63 18.82
CA CYS C 196 -12.61 -13.24 18.75
C CYS C 196 -12.61 -14.56 19.51
N ASN C 197 -11.99 -15.60 18.96
CA ASN C 197 -11.94 -16.83 19.73
C ASN C 197 -10.57 -16.95 20.37
N VAL C 198 -10.53 -16.68 21.66
CA VAL C 198 -9.26 -16.65 22.36
C VAL C 198 -9.02 -18.04 22.91
N ASN C 199 -7.82 -18.55 22.68
CA ASN C 199 -7.55 -19.89 23.14
C ASN C 199 -6.20 -20.03 23.81
N HIS C 200 -6.22 -20.32 25.10
CA HIS C 200 -5.00 -20.72 25.77
C HIS C 200 -5.19 -22.17 26.19
N LYS C 201 -4.57 -23.06 25.42
CA LYS C 201 -4.60 -24.50 25.66
C LYS C 201 -3.86 -25.00 26.91
N PRO C 202 -2.69 -24.41 27.24
CA PRO C 202 -2.01 -24.85 28.47
C PRO C 202 -2.90 -24.83 29.71
N SER C 203 -3.63 -23.73 29.92
CA SER C 203 -4.53 -23.63 31.05
C SER C 203 -5.90 -24.13 30.65
N ASN C 204 -6.06 -24.41 29.35
CA ASN C 204 -7.34 -24.78 28.77
C ASN C 204 -8.38 -23.71 29.10
N THR C 205 -8.13 -22.49 28.64
CA THR C 205 -9.12 -21.46 28.80
C THR C 205 -9.60 -21.06 27.42
N LYS C 206 -10.81 -21.51 27.07
CA LYS C 206 -11.40 -21.17 25.78
C LYS C 206 -12.44 -20.09 26.02
N VAL C 207 -12.20 -18.94 25.41
CA VAL C 207 -13.07 -17.80 25.65
C VAL C 207 -13.37 -17.08 24.34
N ASP C 208 -14.65 -16.83 24.11
CA ASP C 208 -15.12 -16.06 22.97
C ASP C 208 -15.58 -14.68 23.44
N LYS C 209 -15.05 -13.62 22.84
CA LYS C 209 -15.44 -12.27 23.22
C LYS C 209 -16.15 -11.52 22.09
N LYS C 210 -17.35 -11.02 22.39
CA LYS C 210 -18.11 -10.27 21.41
C LYS C 210 -17.75 -8.79 21.53
N VAL C 211 -17.14 -8.26 20.47
CA VAL C 211 -16.64 -6.89 20.50
C VAL C 211 -17.64 -5.94 19.86
N GLU C 212 -18.11 -4.98 20.66
CA GLU C 212 -19.10 -4.01 20.21
C GLU C 212 -18.67 -2.59 20.53
N PRO C 213 -19.03 -1.65 19.64
CA PRO C 213 -18.69 -0.23 19.81
C PRO C 213 -19.52 0.44 20.89
N GLU D 1 35.74 -11.25 25.13
CA GLU D 1 35.31 -12.05 23.97
C GLU D 1 35.57 -11.30 22.67
N ILE D 2 35.53 -12.02 21.55
CA ILE D 2 35.66 -11.38 20.25
C ILE D 2 34.29 -10.93 19.79
N VAL D 3 34.11 -9.62 19.68
CA VAL D 3 32.81 -9.07 19.29
C VAL D 3 32.72 -8.94 17.77
N LEU D 4 31.53 -9.21 17.24
CA LEU D 4 31.29 -9.10 15.81
C LEU D 4 30.15 -8.13 15.56
N THR D 5 30.46 -7.02 14.89
CA THR D 5 29.47 -6.03 14.54
C THR D 5 29.04 -6.23 13.09
N GLN D 6 27.75 -6.12 12.83
CA GLN D 6 27.23 -6.28 11.48
C GLN D 6 26.47 -5.02 11.08
N SER D 7 26.25 -4.82 9.78
CA SER D 7 25.66 -3.58 9.30
C SER D 7 25.39 -3.62 7.79
N PRO D 8 24.24 -3.07 7.38
CA PRO D 8 23.25 -2.40 8.24
C PRO D 8 22.45 -3.37 9.12
N ALA D 9 21.56 -2.86 9.94
CA ALA D 9 20.68 -3.72 10.71
C ALA D 9 19.51 -4.16 9.84
N THR D 10 19.31 -3.45 8.74
CA THR D 10 18.27 -3.80 7.78
C THR D 10 18.74 -3.51 6.35
N LEU D 11 18.51 -4.45 5.43
CA LEU D 11 18.75 -4.12 4.03
C LEU D 11 17.45 -4.33 3.25
N SER D 12 16.85 -3.22 2.83
CA SER D 12 15.53 -3.28 2.20
C SER D 12 15.69 -3.24 0.70
N LEU D 13 15.36 -4.35 0.05
CA LEU D 13 15.59 -4.48 -1.37
C LEU D 13 14.43 -5.21 -2.03
N SER D 14 14.52 -5.35 -3.35
CA SER D 14 13.51 -6.05 -4.13
C SER D 14 14.19 -7.19 -4.87
N PRO D 15 13.41 -8.21 -5.29
CA PRO D 15 14.00 -9.37 -5.98
C PRO D 15 14.88 -9.00 -7.17
N GLY D 16 16.04 -9.64 -7.27
CA GLY D 16 16.96 -9.40 -8.37
C GLY D 16 18.03 -8.38 -8.03
N GLU D 17 17.77 -7.53 -7.04
CA GLU D 17 18.74 -6.51 -6.66
C GLU D 17 19.90 -7.16 -5.92
N ARG D 18 21.08 -6.56 -6.01
CA ARG D 18 22.23 -7.10 -5.30
C ARG D 18 22.07 -6.84 -3.80
N ALA D 19 22.66 -7.72 -2.98
CA ALA D 19 22.66 -7.55 -1.53
C ALA D 19 24.06 -7.74 -0.97
N THR D 20 24.60 -6.69 -0.34
CA THR D 20 25.92 -6.77 0.25
C THR D 20 25.87 -6.51 1.76
N LEU D 21 26.35 -7.49 2.52
CA LEU D 21 26.29 -7.45 3.98
C LEU D 21 27.70 -7.30 4.54
N SER D 22 27.87 -6.46 5.55
CA SER D 22 29.20 -6.22 6.11
C SER D 22 29.31 -6.60 7.58
N CYS D 23 30.43 -7.21 7.93
CA CYS D 23 30.72 -7.64 9.29
C CYS D 23 32.10 -7.12 9.69
N ARG D 24 32.23 -6.65 10.93
CA ARG D 24 33.50 -6.12 11.41
C ARG D 24 33.80 -6.62 12.83
N ALA D 25 34.97 -7.24 13.01
CA ALA D 25 35.33 -7.76 14.32
C ALA D 25 36.07 -6.73 15.16
N SER D 26 36.32 -7.08 16.42
CA SER D 26 37.13 -6.24 17.30
C SER D 26 38.58 -6.69 17.25
N GLN D 27 38.81 -7.84 16.64
CA GLN D 27 40.12 -8.47 16.61
C GLN D 27 40.23 -9.35 15.38
N SER D 28 41.45 -9.55 14.88
CA SER D 28 41.62 -10.40 13.71
C SER D 28 41.20 -11.83 14.00
N VAL D 29 40.20 -12.30 13.26
CA VAL D 29 39.77 -13.69 13.31
C VAL D 29 40.41 -14.45 12.15
N SER D 30 41.27 -13.75 11.42
CA SER D 30 41.84 -14.20 10.15
C SER D 30 40.72 -14.49 9.16
N SER D 31 40.72 -15.68 8.58
CA SER D 31 39.62 -16.11 7.73
C SER D 31 38.57 -16.99 8.43
N TYR D 32 38.62 -17.17 9.76
CA TYR D 32 37.66 -18.09 10.33
C TYR D 32 36.39 -17.28 10.54
N LEU D 33 35.46 -17.47 9.61
CA LEU D 33 34.24 -16.68 9.57
C LEU D 33 33.19 -17.43 8.77
N ALA D 34 31.94 -17.30 9.18
CA ALA D 34 30.86 -17.95 8.46
C ALA D 34 29.67 -17.01 8.40
N TRP D 35 28.80 -17.25 7.43
CA TRP D 35 27.54 -16.53 7.34
C TRP D 35 26.40 -17.53 7.37
N TYR D 36 25.44 -17.29 8.23
CA TYR D 36 24.27 -18.17 8.35
C TYR D 36 23.01 -17.45 7.91
N GLN D 37 22.02 -18.22 7.49
CA GLN D 37 20.71 -17.67 7.13
C GLN D 37 19.66 -18.19 8.09
N GLN D 38 18.82 -17.31 8.62
CA GLN D 38 17.72 -17.75 9.47
C GLN D 38 16.41 -17.06 9.14
N LYS D 39 15.43 -17.85 8.73
CA LYS D 39 14.06 -17.40 8.59
C LYS D 39 13.36 -17.63 9.92
N PRO D 40 12.30 -16.86 10.21
CA PRO D 40 11.61 -17.02 11.50
C PRO D 40 11.08 -18.44 11.70
N GLY D 41 11.15 -18.92 12.93
CA GLY D 41 10.70 -20.27 13.24
C GLY D 41 11.64 -21.35 12.76
N GLN D 42 12.65 -20.98 11.99
CA GLN D 42 13.58 -21.98 11.49
C GLN D 42 14.93 -21.98 12.21
N ALA D 43 15.75 -22.96 11.88
CA ALA D 43 17.10 -23.06 12.41
C ALA D 43 18.07 -22.38 11.46
N PRO D 44 19.17 -21.83 12.01
CA PRO D 44 20.21 -21.19 11.21
C PRO D 44 20.69 -22.10 10.08
N ARG D 45 21.01 -21.49 8.95
CA ARG D 45 21.46 -22.22 7.79
C ARG D 45 22.77 -21.67 7.32
N LEU D 46 23.79 -22.50 7.41
CA LEU D 46 25.10 -22.06 7.03
C LEU D 46 25.17 -21.93 5.51
N LEU D 47 25.76 -20.82 5.09
CA LEU D 47 25.83 -20.42 3.70
C LEU D 47 27.28 -20.41 3.25
N ILE D 48 28.10 -19.62 3.94
CA ILE D 48 29.51 -19.53 3.62
C ILE D 48 30.44 -19.95 4.81
N TYR D 49 31.48 -20.78 4.62
CA TYR D 49 32.50 -20.99 5.70
C TYR D 49 33.88 -20.45 5.32
N ASP D 50 34.63 -20.11 6.37
CA ASP D 50 36.06 -19.81 6.24
C ASP D 50 36.20 -18.74 5.16
N ALA D 51 35.57 -17.59 5.38
CA ALA D 51 35.57 -16.53 4.36
C ALA D 51 34.93 -17.00 3.06
N SER D 52 35.73 -17.23 2.02
CA SER D 52 35.25 -17.57 0.67
C SER D 52 34.25 -18.74 0.51
N ASN D 53 34.57 -19.93 1.01
CA ASN D 53 33.90 -21.15 0.56
C ASN D 53 32.36 -21.22 0.69
N ARG D 54 31.70 -21.81 -0.32
CA ARG D 54 30.21 -21.86 -0.39
C ARG D 54 29.58 -23.15 0.07
N ALA D 55 28.41 -23.07 0.67
CA ALA D 55 27.93 -24.29 1.29
C ALA D 55 27.46 -25.34 0.28
N THR D 56 27.40 -26.56 0.79
CA THR D 56 26.86 -27.68 0.04
C THR D 56 25.45 -27.31 -0.32
N GLY D 57 25.18 -27.40 -1.62
CA GLY D 57 23.90 -27.08 -2.19
C GLY D 57 23.46 -25.66 -1.95
N ILE D 58 24.40 -24.74 -1.74
CA ILE D 58 24.03 -23.34 -1.63
C ILE D 58 24.44 -22.62 -2.90
N PRO D 59 23.42 -22.14 -3.65
CA PRO D 59 23.50 -21.62 -5.01
C PRO D 59 24.61 -20.58 -5.20
N ALA D 60 25.15 -20.54 -6.42
CA ALA D 60 26.27 -19.66 -6.77
C ALA D 60 25.96 -18.19 -6.57
N ARG D 61 24.67 -17.89 -6.40
CA ARG D 61 24.23 -16.52 -6.13
C ARG D 61 24.76 -16.02 -4.79
N PHE D 62 25.25 -16.94 -3.96
CA PHE D 62 25.78 -16.57 -2.66
C PHE D 62 27.29 -16.54 -2.67
N SER D 63 27.86 -15.48 -2.13
CA SER D 63 29.31 -15.38 -2.05
C SER D 63 29.75 -14.52 -0.89
N GLY D 64 31.06 -14.45 -0.69
CA GLY D 64 31.61 -13.55 0.29
C GLY D 64 33.11 -13.66 0.46
N SER D 65 33.73 -12.59 0.93
CA SER D 65 35.16 -12.61 1.19
C SER D 65 35.60 -11.53 2.18
N GLY D 66 36.79 -11.73 2.73
CA GLY D 66 37.38 -10.82 3.68
C GLY D 66 38.42 -11.53 4.51
N SER D 67 39.16 -10.77 5.30
CA SER D 67 40.16 -11.33 6.22
C SER D 67 40.38 -10.31 7.33
N GLY D 68 41.00 -10.75 8.42
CA GLY D 68 41.24 -9.84 9.52
C GLY D 68 39.93 -9.37 10.12
N THR D 69 39.76 -8.05 10.11
CA THR D 69 38.57 -7.39 10.67
C THR D 69 37.33 -7.40 9.73
N ASP D 70 37.50 -7.11 8.43
CA ASP D 70 36.33 -6.98 7.54
C ASP D 70 35.97 -8.22 6.72
N PHE D 71 34.69 -8.53 6.67
CA PHE D 71 34.15 -9.66 5.91
C PHE D 71 32.86 -9.26 5.22
N THR D 72 32.69 -9.65 3.96
CA THR D 72 31.52 -9.22 3.20
C THR D 72 30.76 -10.36 2.56
N LEU D 73 29.54 -10.62 3.01
CA LEU D 73 28.65 -11.58 2.36
C LEU D 73 27.96 -10.88 1.19
N THR D 74 27.80 -11.57 0.07
CA THR D 74 27.15 -10.96 -1.09
C THR D 74 26.17 -11.89 -1.80
N ILE D 75 24.93 -11.43 -1.98
CA ILE D 75 23.89 -12.15 -2.71
C ILE D 75 23.66 -11.47 -4.06
N SER D 76 23.96 -12.18 -5.15
CA SER D 76 23.87 -11.57 -6.48
C SER D 76 22.49 -11.04 -6.88
N SER D 77 21.61 -11.98 -7.21
CA SER D 77 20.26 -11.64 -7.61
C SER D 77 19.42 -11.97 -6.39
N LEU D 78 18.58 -11.03 -5.99
CA LEU D 78 17.78 -11.25 -4.82
C LEU D 78 16.61 -12.12 -5.23
N GLU D 79 16.32 -13.12 -4.40
CA GLU D 79 15.19 -13.99 -4.65
C GLU D 79 14.35 -14.11 -3.38
N PRO D 80 13.02 -14.21 -3.54
CA PRO D 80 12.05 -14.21 -2.45
C PRO D 80 12.32 -15.28 -1.40
N GLU D 81 13.12 -16.28 -1.76
CA GLU D 81 13.49 -17.35 -0.86
C GLU D 81 14.61 -16.89 0.08
N ASP D 82 15.12 -15.68 -0.17
CA ASP D 82 16.22 -15.13 0.62
C ASP D 82 15.94 -14.10 1.71
N PHE D 83 14.70 -13.66 1.91
CA PHE D 83 14.55 -12.54 2.85
C PHE D 83 14.44 -13.09 4.26
N ALA D 84 15.49 -12.81 5.03
CA ALA D 84 15.71 -13.47 6.31
C ALA D 84 16.82 -12.78 7.07
N VAL D 85 17.19 -13.33 8.22
CA VAL D 85 18.22 -12.72 9.03
C VAL D 85 19.54 -13.47 8.89
N TYR D 86 20.62 -12.73 8.64
CA TYR D 86 21.93 -13.34 8.43
C TYR D 86 22.90 -13.04 9.58
N TYR D 87 23.57 -14.07 10.06
CA TYR D 87 24.49 -13.94 11.19
C TYR D 87 25.95 -14.19 10.82
N CYS D 88 26.82 -13.31 11.29
CA CYS D 88 28.27 -13.42 11.12
C CYS D 88 28.89 -14.16 12.30
N GLN D 89 29.56 -15.28 12.04
CA GLN D 89 30.16 -16.07 13.12
C GLN D 89 31.65 -16.37 12.89
N GLN D 90 32.43 -16.33 13.97
CA GLN D 90 33.85 -16.63 13.92
C GLN D 90 34.16 -17.97 14.60
N SER D 91 34.84 -18.86 13.89
CA SER D 91 35.26 -20.14 14.44
C SER D 91 36.71 -20.10 14.92
N SER D 92 37.30 -18.90 14.85
CA SER D 92 38.71 -18.70 15.17
C SER D 92 39.07 -19.12 16.59
N ASN D 93 38.30 -18.65 17.57
CA ASN D 93 38.56 -19.01 18.96
C ASN D 93 37.36 -18.88 19.89
N TRP D 94 37.47 -19.55 21.04
CA TRP D 94 36.38 -19.61 22.01
C TRP D 94 36.43 -18.42 22.96
N PRO D 95 35.28 -18.06 23.55
CA PRO D 95 33.95 -18.59 23.25
C PRO D 95 33.47 -18.08 21.88
N ARG D 96 32.90 -18.98 21.06
CA ARG D 96 32.42 -18.63 19.73
C ARG D 96 31.41 -17.47 19.78
N THR D 97 31.50 -16.54 18.85
CA THR D 97 30.59 -15.39 18.88
C THR D 97 29.91 -15.09 17.55
N PHE D 98 28.59 -14.93 17.64
CA PHE D 98 27.78 -14.48 16.52
C PHE D 98 27.63 -12.98 16.58
N GLY D 99 26.85 -12.44 15.65
CA GLY D 99 26.57 -11.01 15.61
C GLY D 99 25.17 -10.60 15.98
N GLN D 100 24.93 -9.30 15.86
CA GLN D 100 23.59 -8.74 15.95
C GLN D 100 22.70 -9.43 14.92
N GLY D 101 23.30 -9.80 13.80
CA GLY D 101 22.57 -10.34 12.66
C GLY D 101 22.13 -9.17 11.82
N THR D 102 22.03 -9.40 10.52
CA THR D 102 21.46 -8.42 9.63
C THR D 102 20.18 -9.00 9.08
N LYS D 103 19.11 -8.22 9.13
CA LYS D 103 17.85 -8.67 8.55
C LYS D 103 17.67 -8.04 7.19
N VAL D 104 17.43 -8.88 6.19
CA VAL D 104 17.18 -8.39 4.85
C VAL D 104 15.68 -8.41 4.56
N GLU D 105 15.09 -7.22 4.48
CA GLU D 105 13.65 -7.08 4.29
C GLU D 105 13.31 -6.69 2.86
N ILE D 106 12.03 -6.49 2.59
CA ILE D 106 11.54 -6.16 1.26
C ILE D 106 11.28 -4.65 1.15
N LYS D 107 11.70 -4.03 0.04
CA LYS D 107 11.49 -2.60 -0.18
C LYS D 107 10.10 -2.32 -0.75
N ARG D 108 9.53 -1.18 -0.39
CA ARG D 108 8.19 -0.81 -0.82
C ARG D 108 8.01 0.72 -0.87
N THR D 109 7.06 1.20 -1.67
CA THR D 109 6.69 2.60 -1.67
C THR D 109 6.32 3.05 -0.25
N VAL D 110 6.88 4.18 0.18
CA VAL D 110 6.75 4.58 1.59
C VAL D 110 5.29 4.78 2.00
N ALA D 111 4.89 4.08 3.05
CA ALA D 111 3.50 4.04 3.46
C ALA D 111 3.31 4.62 4.85
N ALA D 112 2.34 5.51 4.97
CA ALA D 112 2.00 6.10 6.25
C ALA D 112 0.96 5.26 6.98
N PRO D 113 1.12 5.11 8.30
CA PRO D 113 0.16 4.33 9.09
C PRO D 113 -1.14 5.09 9.29
N SER D 114 -2.27 4.37 9.36
CA SER D 114 -3.50 5.00 9.76
C SER D 114 -3.68 4.63 11.22
N VAL D 115 -3.49 5.60 12.10
CA VAL D 115 -3.37 5.31 13.52
C VAL D 115 -4.75 5.04 14.14
N PHE D 116 -4.78 4.20 15.16
CA PHE D 116 -6.01 3.89 15.90
C PHE D 116 -5.72 3.87 17.39
N ILE D 117 -6.67 4.32 18.21
CA ILE D 117 -6.48 4.31 19.66
C ILE D 117 -7.73 3.83 20.40
N PHE D 118 -7.52 2.90 21.33
CA PHE D 118 -8.59 2.26 22.08
C PHE D 118 -8.57 2.59 23.58
N PRO D 119 -9.66 3.19 24.07
CA PRO D 119 -9.87 3.41 25.52
C PRO D 119 -10.08 2.10 26.27
N PRO D 120 -9.67 2.05 27.55
CA PRO D 120 -9.78 0.85 28.42
C PRO D 120 -11.19 0.27 28.48
N SER D 121 -11.30 -1.05 28.37
CA SER D 121 -12.57 -1.77 28.47
C SER D 121 -13.26 -1.47 29.79
N ASP D 122 -14.58 -1.44 29.83
CA ASP D 122 -15.26 -1.25 31.12
C ASP D 122 -15.13 -2.56 31.91
N GLU D 123 -14.63 -3.59 31.26
CA GLU D 123 -14.38 -4.79 32.00
C GLU D 123 -13.13 -4.67 32.81
N GLN D 124 -12.07 -4.31 32.11
CA GLN D 124 -10.74 -4.35 32.65
C GLN D 124 -10.61 -3.46 33.88
N LEU D 125 -10.85 -2.14 33.74
CA LEU D 125 -10.51 -1.19 34.80
C LEU D 125 -11.42 -1.26 36.04
N LYS D 126 -12.50 -2.06 36.04
CA LYS D 126 -13.23 -2.34 37.29
C LYS D 126 -12.38 -3.18 38.20
N SER D 127 -11.58 -4.06 37.60
CA SER D 127 -10.72 -4.97 38.32
C SER D 127 -9.40 -4.25 38.63
N GLY D 128 -9.37 -2.95 38.33
CA GLY D 128 -8.27 -2.09 38.75
C GLY D 128 -7.03 -2.18 37.90
N THR D 129 -7.26 -2.06 36.60
CA THR D 129 -6.21 -2.26 35.60
C THR D 129 -6.08 -1.17 34.48
N ALA D 130 -7.02 -1.11 33.54
CA ALA D 130 -7.06 -0.04 32.52
C ALA D 130 -5.88 0.13 31.51
N SER D 131 -5.77 -0.72 30.49
CA SER D 131 -4.78 -0.47 29.45
C SER D 131 -5.34 0.24 28.22
N VAL D 132 -4.58 1.23 27.73
CA VAL D 132 -4.94 2.01 26.54
C VAL D 132 -4.12 1.55 25.35
N VAL D 133 -4.78 1.08 24.30
CA VAL D 133 -4.09 0.52 23.15
C VAL D 133 -4.09 1.48 21.96
N CYS D 134 -2.88 1.75 21.47
CA CYS D 134 -2.66 2.45 20.21
C CYS D 134 -2.35 1.47 19.10
N LEU D 135 -2.77 1.81 17.89
CA LEU D 135 -2.46 0.98 16.74
C LEU D 135 -2.05 1.80 15.53
N LEU D 136 -1.02 1.32 14.85
CA LEU D 136 -0.58 1.87 13.58
C LEU D 136 -0.69 0.75 12.56
N ASN D 137 -1.63 0.87 11.62
CA ASN D 137 -1.89 -0.22 10.69
C ASN D 137 -1.25 0.00 9.33
N ASN D 138 -0.67 -1.07 8.79
CA ASN D 138 -0.18 -1.10 7.42
C ASN D 138 0.65 0.11 6.99
N PHE D 139 1.86 0.22 7.52
CA PHE D 139 2.77 1.31 7.17
C PHE D 139 4.08 0.78 6.59
N TYR D 140 4.97 1.72 6.22
CA TYR D 140 6.33 1.40 5.76
C TYR D 140 7.12 2.70 5.52
N PRO D 141 8.41 2.73 5.91
CA PRO D 141 9.20 1.67 6.56
C PRO D 141 8.80 1.39 8.01
N ARG D 142 9.48 0.44 8.64
CA ARG D 142 9.06 -0.05 9.94
C ARG D 142 9.34 0.91 11.07
N GLU D 143 10.44 1.64 10.97
CA GLU D 143 10.86 2.41 12.12
C GLU D 143 9.83 3.54 12.20
N ALA D 144 9.11 3.52 13.31
CA ALA D 144 8.06 4.47 13.66
C ALA D 144 8.19 4.64 15.16
N LYS D 145 7.95 5.83 15.67
CA LYS D 145 7.97 6.03 17.11
C LYS D 145 6.73 6.77 17.51
N VAL D 146 5.99 6.18 18.44
CA VAL D 146 4.85 6.86 19.04
C VAL D 146 5.23 7.34 20.42
N GLN D 147 4.30 8.00 21.10
CA GLN D 147 4.41 8.22 22.53
C GLN D 147 3.15 8.83 23.09
N TRP D 148 3.02 8.68 24.40
CA TRP D 148 1.77 8.92 25.08
C TRP D 148 1.83 10.20 25.85
N LYS D 149 0.82 11.03 25.66
CA LYS D 149 0.83 12.32 26.30
C LYS D 149 -0.50 12.46 27.02
N VAL D 150 -0.44 12.42 28.35
CA VAL D 150 -1.65 12.44 29.17
C VAL D 150 -1.82 13.80 29.80
N ASP D 151 -2.82 14.52 29.31
CA ASP D 151 -3.02 15.93 29.64
C ASP D 151 -1.71 16.71 29.48
N ASN D 152 -1.25 16.78 28.24
CA ASN D 152 0.00 17.46 27.86
C ASN D 152 1.20 17.18 28.76
N ALA D 153 1.34 15.91 29.13
CA ALA D 153 2.43 15.50 30.00
C ALA D 153 3.52 14.71 29.30
N LEU D 154 4.52 14.35 30.09
CA LEU D 154 5.63 13.50 29.69
C LEU D 154 5.11 12.08 29.59
N GLN D 155 6.00 11.12 29.37
CA GLN D 155 5.71 9.70 29.65
C GLN D 155 6.92 8.81 29.41
N SER D 156 6.91 7.66 30.09
CA SER D 156 7.93 6.63 29.95
C SER D 156 7.71 5.46 30.91
N GLY D 157 8.24 4.30 30.53
CA GLY D 157 8.29 3.09 31.35
C GLY D 157 6.99 2.34 31.40
N ASN D 158 5.89 3.06 31.18
CA ASN D 158 4.55 2.47 31.20
C ASN D 158 4.02 2.11 29.80
N SER D 159 4.87 2.22 28.78
CA SER D 159 4.50 1.82 27.43
C SER D 159 5.28 0.60 26.88
N GLN D 160 4.60 -0.27 26.14
CA GLN D 160 5.25 -1.43 25.52
C GLN D 160 4.75 -1.67 24.08
N GLU D 161 5.70 -1.94 23.18
CA GLU D 161 5.39 -2.04 21.75
C GLU D 161 5.47 -3.47 21.19
N SER D 162 4.63 -3.73 20.21
CA SER D 162 4.62 -5.01 19.50
C SER D 162 4.61 -4.75 18.00
N VAL D 163 5.33 -5.55 17.23
CA VAL D 163 5.38 -5.36 15.78
C VAL D 163 5.18 -6.67 15.03
N THR D 164 4.18 -6.69 14.15
CA THR D 164 3.93 -7.83 13.28
C THR D 164 5.05 -8.00 12.28
N GLU D 165 5.21 -9.22 11.76
CA GLU D 165 6.21 -9.44 10.72
C GLU D 165 5.66 -9.00 9.36
N GLN D 166 6.57 -8.61 8.47
CA GLN D 166 6.24 -8.01 7.18
C GLN D 166 5.21 -8.82 6.39
N ASP D 167 4.17 -8.15 5.90
CA ASP D 167 3.03 -8.82 5.29
C ASP D 167 3.40 -9.54 3.99
N SER D 168 2.75 -10.66 3.76
CA SER D 168 2.97 -11.46 2.56
C SER D 168 2.34 -10.80 1.34
N LYS D 169 1.36 -9.94 1.58
CA LYS D 169 0.68 -9.20 0.52
C LYS D 169 1.21 -7.78 0.42
N ASP D 170 0.94 -6.98 1.45
CA ASP D 170 1.24 -5.55 1.46
C ASP D 170 2.71 -5.24 1.65
N SER D 171 3.42 -6.18 2.27
CA SER D 171 4.80 -5.98 2.71
C SER D 171 4.88 -4.85 3.72
N THR D 172 3.78 -4.60 4.42
CA THR D 172 3.77 -3.49 5.38
C THR D 172 3.88 -4.00 6.80
N TYR D 173 3.93 -3.07 7.75
CA TYR D 173 4.00 -3.43 9.15
C TYR D 173 2.83 -2.82 9.91
N SER D 174 2.51 -3.45 11.03
CA SER D 174 1.49 -2.92 11.92
C SER D 174 1.99 -3.00 13.36
N LEU D 175 1.90 -1.88 14.07
CA LEU D 175 2.47 -1.81 15.42
C LEU D 175 1.37 -1.53 16.44
N SER D 176 1.56 -2.05 17.66
CA SER D 176 0.64 -1.78 18.76
C SER D 176 1.39 -1.35 20.02
N SER D 177 1.11 -0.13 20.48
CA SER D 177 1.67 0.35 21.73
C SER D 177 0.58 0.37 22.79
N THR D 178 0.85 -0.19 23.97
CA THR D 178 -0.15 -0.23 25.02
C THR D 178 0.30 0.44 26.31
N LEU D 179 -0.45 1.46 26.71
CA LEU D 179 -0.16 2.22 27.92
C LEU D 179 -0.80 1.51 29.11
N THR D 180 0.03 1.15 30.10
CA THR D 180 -0.53 0.45 31.25
C THR D 180 -0.55 1.38 32.47
N LEU D 181 -1.64 1.29 33.21
CA LEU D 181 -1.92 2.14 34.37
C LEU D 181 -2.73 1.35 35.41
N SER D 182 -3.26 2.03 36.41
CA SER D 182 -4.22 1.42 37.33
C SER D 182 -5.53 2.19 37.32
N LYS D 183 -6.62 1.54 37.71
CA LYS D 183 -7.96 2.14 37.74
C LYS D 183 -7.95 3.51 38.38
N ALA D 184 -7.57 3.51 39.65
CA ALA D 184 -7.39 4.73 40.42
C ALA D 184 -6.58 5.77 39.63
N ASP D 185 -5.32 5.44 39.33
CA ASP D 185 -4.43 6.33 38.57
C ASP D 185 -5.03 6.78 37.25
N TYR D 186 -5.57 5.83 36.50
CA TYR D 186 -6.21 6.11 35.21
C TYR D 186 -7.30 7.18 35.33
N GLU D 187 -8.18 7.02 36.32
CA GLU D 187 -9.31 7.92 36.52
C GLU D 187 -8.90 9.30 36.95
N LYS D 188 -7.62 9.49 37.23
CA LYS D 188 -7.20 10.76 37.76
C LYS D 188 -7.15 11.87 36.71
N HIS D 189 -6.64 11.55 35.52
CA HIS D 189 -6.52 12.55 34.47
C HIS D 189 -7.63 12.42 33.43
N LYS D 190 -7.59 13.27 32.41
CA LYS D 190 -8.69 13.36 31.45
C LYS D 190 -8.33 12.98 30.01
N VAL D 191 -7.47 13.78 29.37
CA VAL D 191 -7.11 13.56 27.97
C VAL D 191 -6.04 12.48 27.82
N TYR D 192 -6.32 11.48 27.00
CA TYR D 192 -5.31 10.48 26.67
C TYR D 192 -4.94 10.57 25.20
N ALA D 193 -3.74 11.05 24.93
CA ALA D 193 -3.35 11.36 23.57
C ALA D 193 -2.26 10.41 23.08
N CYS D 194 -2.35 9.97 21.83
CA CYS D 194 -1.30 9.18 21.22
C CYS D 194 -0.64 9.97 20.10
N GLU D 195 0.59 10.41 20.34
CA GLU D 195 1.36 11.13 19.35
C GLU D 195 2.26 10.17 18.61
N VAL D 196 2.29 10.27 17.29
CA VAL D 196 3.08 9.34 16.48
C VAL D 196 3.86 10.04 15.38
N THR D 197 5.15 9.73 15.32
CA THR D 197 6.04 10.29 14.31
C THR D 197 6.48 9.21 13.32
N HIS D 198 6.18 9.44 12.04
CA HIS D 198 6.56 8.53 10.97
C HIS D 198 6.89 9.40 9.76
N GLN D 199 7.90 9.01 8.98
CA GLN D 199 8.33 9.83 7.85
C GLN D 199 7.26 9.93 6.76
N GLY D 200 6.50 8.86 6.60
CA GLY D 200 5.36 8.84 5.71
C GLY D 200 4.28 9.81 6.15
N LEU D 201 4.38 10.24 7.41
CA LEU D 201 3.55 11.32 7.92
C LEU D 201 4.30 12.65 7.76
N SER D 202 3.71 13.58 7.01
CA SER D 202 4.24 14.92 6.86
C SER D 202 4.57 15.55 8.22
N SER D 203 3.54 15.74 9.03
CA SER D 203 3.70 16.25 10.37
C SER D 203 3.24 15.18 11.35
N PRO D 204 3.88 15.10 12.54
CA PRO D 204 3.49 14.05 13.49
C PRO D 204 2.01 14.12 13.86
N VAL D 205 1.31 13.01 13.66
CA VAL D 205 -0.12 12.90 13.91
C VAL D 205 -0.42 12.58 15.38
N THR D 206 -1.61 12.97 15.84
CA THR D 206 -2.02 12.67 17.20
C THR D 206 -3.50 12.28 17.23
N LYS D 207 -3.83 11.27 18.04
CA LYS D 207 -5.22 10.91 18.28
C LYS D 207 -5.47 10.77 19.77
N SER D 208 -6.52 11.43 20.25
CA SER D 208 -6.79 11.46 21.67
C SER D 208 -8.26 11.18 21.98
N PHE D 209 -8.60 11.30 23.27
CA PHE D 209 -9.95 11.11 23.77
C PHE D 209 -9.99 11.46 25.24
N ASN D 210 -11.21 11.70 25.73
CA ASN D 210 -11.41 12.04 27.13
C ASN D 210 -12.32 10.99 27.75
N ARG D 211 -12.13 10.72 29.04
CA ARG D 211 -12.85 9.65 29.72
C ARG D 211 -14.38 9.80 29.62
N GLY D 212 -14.84 11.01 29.34
CA GLY D 212 -16.25 11.27 29.15
C GLY D 212 -16.74 10.73 27.82
N SER E 2 -10.17 43.28 -5.15
CA SER E 2 -11.61 43.54 -5.30
C SER E 2 -12.13 43.25 -6.71
N PRO E 3 -12.10 41.99 -7.14
CA PRO E 3 -12.86 41.70 -8.36
C PRO E 3 -14.35 42.00 -8.27
N ASP E 4 -15.02 41.58 -7.21
CA ASP E 4 -16.48 41.62 -7.22
C ASP E 4 -16.99 43.05 -7.38
N ARG E 5 -17.08 43.77 -6.26
CA ARG E 5 -17.34 45.21 -6.24
C ARG E 5 -17.61 45.67 -4.81
N PRO E 6 -17.06 46.85 -4.46
CA PRO E 6 -17.27 47.41 -3.12
C PRO E 6 -18.74 47.59 -2.74
N TRP E 7 -19.09 46.96 -1.61
CA TRP E 7 -20.43 46.90 -1.10
C TRP E 7 -20.36 47.35 0.34
N ASN E 8 -20.93 48.50 0.64
CA ASN E 8 -20.68 49.10 1.93
C ASN E 8 -21.70 48.64 2.96
N PRO E 9 -21.21 48.34 4.18
CA PRO E 9 -21.93 47.65 5.24
C PRO E 9 -23.10 48.43 5.83
N PRO E 10 -24.02 47.74 6.51
CA PRO E 10 -25.16 48.39 7.16
C PRO E 10 -24.75 49.17 8.40
N THR E 11 -25.73 49.68 9.14
CA THR E 11 -25.44 50.41 10.37
C THR E 11 -26.43 50.05 11.47
N PHE E 12 -26.10 50.46 12.69
CA PHE E 12 -26.87 50.12 13.88
C PHE E 12 -27.11 51.36 14.73
N SER E 13 -28.05 51.26 15.67
CA SER E 13 -28.41 52.40 16.51
C SER E 13 -29.46 52.00 17.54
N PRO E 14 -29.31 52.47 18.79
CA PRO E 14 -28.20 53.34 19.20
C PRO E 14 -26.98 52.56 19.68
N ALA E 15 -25.90 53.28 20.02
CA ALA E 15 -24.67 52.65 20.48
C ALA E 15 -24.86 51.97 21.82
N LEU E 16 -25.57 52.65 22.71
CA LEU E 16 -25.93 52.08 24.00
C LEU E 16 -27.41 52.27 24.22
N LEU E 17 -28.12 51.15 24.31
CA LEU E 17 -29.56 51.18 24.54
C LEU E 17 -29.85 50.62 25.93
N VAL E 18 -30.54 51.39 26.76
CA VAL E 18 -30.88 50.93 28.09
C VAL E 18 -32.38 50.84 28.28
N VAL E 19 -32.87 49.61 28.52
CA VAL E 19 -34.27 49.37 28.77
C VAL E 19 -34.42 48.66 30.11
N THR E 20 -35.52 48.91 30.80
CA THR E 20 -35.81 48.22 32.04
C THR E 20 -36.04 46.75 31.74
N GLU E 21 -35.92 45.87 32.74
CA GLU E 21 -36.07 44.44 32.47
C GLU E 21 -37.55 44.12 32.27
N GLY E 22 -37.81 43.03 31.54
CA GLY E 22 -39.17 42.61 31.22
C GLY E 22 -39.78 43.49 30.15
N ASP E 23 -39.07 44.56 29.82
CA ASP E 23 -39.52 45.59 28.89
C ASP E 23 -39.08 45.22 27.46
N ASN E 24 -39.41 46.06 26.50
CA ASN E 24 -39.05 45.78 25.12
C ASN E 24 -37.99 46.76 24.59
N ALA E 25 -36.90 46.21 24.08
CA ALA E 25 -35.82 47.01 23.50
C ALA E 25 -35.82 46.90 21.99
N THR E 26 -35.41 47.98 21.31
CA THR E 26 -35.40 47.98 19.86
C THR E 26 -34.20 48.71 19.27
N PHE E 27 -33.56 48.08 18.28
CA PHE E 27 -32.48 48.70 17.53
C PHE E 27 -32.93 48.91 16.08
N THR E 28 -32.38 49.93 15.43
CA THR E 28 -32.73 50.21 14.04
C THR E 28 -31.52 50.03 13.11
N CYS E 29 -31.65 49.08 12.20
CA CYS E 29 -30.63 48.86 11.16
C CYS E 29 -31.12 49.36 9.81
N SER E 30 -30.47 50.40 9.29
CA SER E 30 -30.85 50.93 7.99
C SER E 30 -29.86 50.48 6.93
N PHE E 31 -30.31 49.56 6.09
CA PHE E 31 -29.49 49.00 5.03
C PHE E 31 -30.22 49.04 3.70
N SER E 32 -29.54 49.52 2.67
CA SER E 32 -30.15 49.66 1.36
C SER E 32 -29.27 49.08 0.26
N ASN E 33 -29.74 48.03 -0.40
CA ASN E 33 -29.17 47.66 -1.70
C ASN E 33 -30.25 47.22 -2.69
N THR E 34 -30.31 47.89 -3.85
CA THR E 34 -31.29 47.51 -4.87
C THR E 34 -30.80 46.24 -5.52
N SER E 35 -29.52 46.25 -5.89
CA SER E 35 -28.92 45.14 -6.61
C SER E 35 -28.76 43.89 -5.75
N GLU E 36 -28.88 42.76 -6.43
CA GLU E 36 -28.86 41.41 -5.89
C GLU E 36 -29.88 41.11 -4.80
N SER E 37 -29.52 40.16 -3.93
CA SER E 37 -30.44 39.63 -2.93
C SER E 37 -29.70 39.43 -1.62
N PHE E 38 -30.08 40.22 -0.63
CA PHE E 38 -29.36 40.25 0.62
C PHE E 38 -30.32 39.85 1.71
N VAL E 39 -29.81 39.15 2.72
CA VAL E 39 -30.63 38.81 3.86
C VAL E 39 -29.99 39.39 5.12
N LEU E 40 -30.80 40.06 5.92
CA LEU E 40 -30.32 40.72 7.13
C LEU E 40 -30.30 39.77 8.32
N ASN E 41 -29.28 39.89 9.14
CA ASN E 41 -29.13 39.02 10.30
C ASN E 41 -28.89 39.79 11.59
N TRP E 42 -29.42 39.25 12.68
CA TRP E 42 -29.28 39.89 13.97
C TRP E 42 -28.38 39.06 14.88
N TYR E 43 -27.43 39.72 15.55
CA TYR E 43 -26.49 38.96 16.36
C TYR E 43 -26.26 39.52 17.75
N ARG E 44 -25.79 38.64 18.61
CA ARG E 44 -25.31 38.97 19.94
C ARG E 44 -24.11 38.09 20.19
N MET E 45 -23.09 38.63 20.83
CA MET E 45 -21.85 37.91 21.03
C MET E 45 -21.70 37.37 22.45
N SER E 46 -20.52 36.82 22.73
CA SER E 46 -20.24 36.07 23.95
C SER E 46 -18.77 35.68 23.91
N PRO E 47 -18.13 35.49 25.07
CA PRO E 47 -16.71 35.08 25.12
C PRO E 47 -16.38 33.81 24.35
N GLN E 50 -17.46 35.26 18.28
CA GLN E 50 -18.43 34.27 18.78
C GLN E 50 -19.84 34.67 18.45
N THR E 51 -20.18 34.68 17.17
CA THR E 51 -21.54 34.93 16.70
C THR E 51 -22.66 33.98 17.19
N ASP E 52 -23.76 34.56 17.69
CA ASP E 52 -25.02 33.83 17.92
C ASP E 52 -26.19 34.45 17.13
N LYS E 53 -26.75 33.73 16.17
CA LYS E 53 -27.81 34.28 15.31
C LYS E 53 -29.17 34.29 16.02
N LEU E 54 -29.73 35.47 16.24
CA LEU E 54 -31.00 35.56 16.96
C LEU E 54 -32.16 35.57 15.99
N ALA E 55 -32.28 36.66 15.24
CA ALA E 55 -33.35 36.79 14.28
C ALA E 55 -32.75 37.04 12.90
N ALA E 56 -33.62 37.25 11.92
CA ALA E 56 -33.17 37.58 10.56
C ALA E 56 -34.37 37.91 9.68
N PHE E 57 -34.12 38.59 8.56
CA PHE E 57 -35.18 38.88 7.62
C PHE E 57 -34.71 38.61 6.18
N PRO E 58 -35.56 37.93 5.38
CA PRO E 58 -36.83 37.25 5.68
C PRO E 58 -36.78 36.35 6.91
N GLU E 59 -37.85 36.34 7.69
CA GLU E 59 -37.93 35.58 8.94
C GLU E 59 -37.64 34.10 8.70
N ASP E 60 -36.65 33.55 9.42
CA ASP E 60 -36.33 32.14 9.21
C ASP E 60 -37.34 31.23 9.89
N ARG E 61 -37.97 30.39 9.10
CA ARG E 61 -38.89 29.40 9.63
C ARG E 61 -38.27 28.00 9.73
N SER E 62 -37.03 27.86 9.24
CA SER E 62 -36.42 26.55 9.07
C SER E 62 -36.35 25.71 10.35
N GLN E 63 -35.90 26.31 11.45
CA GLN E 63 -35.78 25.58 12.71
C GLN E 63 -37.03 25.68 13.58
N PRO E 64 -37.35 24.61 14.33
CA PRO E 64 -38.53 24.56 15.21
C PRO E 64 -38.36 25.49 16.42
N GLY E 65 -39.29 25.48 17.37
CA GLY E 65 -39.21 26.48 18.42
C GLY E 65 -40.08 27.68 18.17
N GLN E 66 -41.13 27.48 17.39
CA GLN E 66 -42.45 28.11 17.61
C GLN E 66 -42.32 29.66 17.89
N ASP E 67 -42.62 30.16 19.09
CA ASP E 67 -42.52 31.62 19.34
C ASP E 67 -41.09 32.09 19.44
N SER E 68 -40.95 33.32 19.89
CA SER E 68 -39.67 34.01 19.83
C SER E 68 -39.74 35.35 20.56
N ARG E 69 -38.57 35.89 20.82
CA ARG E 69 -38.41 37.16 21.51
C ARG E 69 -37.81 38.12 20.49
N PHE E 70 -36.66 37.72 19.95
CA PHE E 70 -35.96 38.42 18.87
C PHE E 70 -36.68 38.37 17.51
N ARG E 71 -36.96 39.53 16.93
CA ARG E 71 -37.56 39.59 15.59
C ARG E 71 -37.05 40.76 14.72
N VAL E 72 -36.99 40.54 13.39
CA VAL E 72 -36.49 41.56 12.46
C VAL E 72 -37.59 41.93 11.48
N THR E 73 -37.88 43.22 11.32
CA THR E 73 -38.89 43.61 10.33
C THR E 73 -38.52 44.89 9.59
N GLN E 74 -38.77 44.89 8.29
CA GLN E 74 -38.50 46.04 7.45
C GLN E 74 -39.57 47.10 7.64
N LEU E 75 -39.14 48.35 7.71
CA LEU E 75 -40.05 49.48 7.84
C LEU E 75 -40.57 49.90 6.46
N PRO E 76 -41.70 50.65 6.40
CA PRO E 76 -42.32 51.00 5.12
C PRO E 76 -41.40 51.67 4.09
N ASN E 77 -40.49 52.54 4.56
CA ASN E 77 -39.60 53.26 3.65
C ASN E 77 -38.67 52.32 2.91
N GLY E 78 -38.57 51.09 3.40
CA GLY E 78 -37.83 50.05 2.70
C GLY E 78 -36.34 50.30 2.68
N ARG E 79 -35.85 50.92 3.75
CA ARG E 79 -34.43 51.14 3.94
C ARG E 79 -34.07 50.72 5.38
N ASP E 80 -34.71 51.34 6.36
CA ASP E 80 -34.57 51.02 7.80
C ASP E 80 -35.28 49.74 8.27
N PHE E 81 -34.62 48.97 9.13
CA PHE E 81 -35.16 47.72 9.66
C PHE E 81 -35.22 47.73 11.19
N HIS E 82 -36.21 47.05 11.76
CA HIS E 82 -36.37 47.04 13.21
C HIS E 82 -35.89 45.75 13.88
N MET E 83 -34.87 45.89 14.71
CA MET E 83 -34.26 44.81 15.45
C MET E 83 -34.80 44.86 16.86
N SER E 84 -35.64 43.91 17.27
CA SER E 84 -36.24 44.06 18.60
C SER E 84 -36.27 42.82 19.49
N VAL E 85 -35.72 42.96 20.69
CA VAL E 85 -35.90 41.95 21.74
C VAL E 85 -37.10 42.37 22.57
N VAL E 86 -38.02 41.44 22.81
CA VAL E 86 -39.15 41.74 23.67
C VAL E 86 -39.00 40.97 24.98
N ARG E 87 -39.59 41.52 26.05
CA ARG E 87 -39.59 40.89 27.36
C ARG E 87 -38.16 40.68 27.87
N ALA E 88 -37.32 41.71 27.70
CA ALA E 88 -35.88 41.59 27.94
C ALA E 88 -35.54 41.10 29.34
N ARG E 89 -34.68 40.09 29.41
CA ARG E 89 -34.19 39.56 30.69
C ARG E 89 -33.02 40.40 31.16
N ARG E 90 -32.39 39.99 32.26
CA ARG E 90 -31.18 40.66 32.74
C ARG E 90 -29.95 40.19 31.95
N ASN E 91 -29.99 38.94 31.50
CA ASN E 91 -28.84 38.36 30.81
C ASN E 91 -28.87 38.59 29.30
N ASP E 92 -29.87 39.35 28.86
CA ASP E 92 -29.96 39.76 27.47
C ASP E 92 -28.92 40.84 27.15
N SER E 93 -28.39 41.48 28.20
CA SER E 93 -27.34 42.47 28.03
C SER E 93 -26.15 41.88 27.31
N GLY E 94 -25.49 42.70 26.50
CA GLY E 94 -24.29 42.25 25.83
C GLY E 94 -24.08 42.98 24.54
N THR E 95 -23.04 42.58 23.81
CA THR E 95 -22.72 43.25 22.57
C THR E 95 -23.63 42.71 21.46
N TYR E 96 -24.46 43.59 20.90
CA TYR E 96 -25.30 43.23 19.77
C TYR E 96 -24.76 43.84 18.49
N LEU E 97 -25.38 43.50 17.37
CA LEU E 97 -24.91 43.92 16.06
C LEU E 97 -25.84 43.38 14.96
N CYS E 98 -25.63 43.85 13.75
CA CYS E 98 -26.36 43.36 12.58
C CYS E 98 -25.39 43.12 11.44
N GLY E 99 -25.82 42.34 10.45
CA GLY E 99 -25.01 42.16 9.27
C GLY E 99 -25.82 41.82 8.04
N ALA E 100 -25.27 42.16 6.88
CA ALA E 100 -25.90 41.87 5.60
C ALA E 100 -25.25 40.66 4.96
N ILE E 101 -26.04 39.82 4.30
CA ILE E 101 -25.51 38.60 3.71
C ILE E 101 -26.06 38.37 2.30
N SER E 102 -25.19 38.06 1.35
CA SER E 102 -25.65 37.81 -0.01
C SER E 102 -26.19 36.39 -0.20
N LEU E 103 -26.78 36.13 -1.36
CA LEU E 103 -27.33 34.81 -1.65
C LEU E 103 -26.51 33.90 -2.56
N ALA E 104 -25.38 34.39 -3.06
CA ALA E 104 -24.52 33.54 -3.87
C ALA E 104 -23.93 32.43 -3.01
N PRO E 105 -23.57 31.28 -3.60
CA PRO E 105 -23.07 30.15 -2.80
C PRO E 105 -21.82 30.51 -1.99
N LYS E 106 -20.98 31.35 -2.58
CA LYS E 106 -19.72 31.82 -1.99
C LYS E 106 -20.03 33.06 -1.14
N ALA E 107 -21.28 33.16 -0.68
CA ALA E 107 -21.84 34.37 -0.08
C ALA E 107 -20.89 35.08 0.87
N GLN E 108 -20.92 36.39 0.74
CA GLN E 108 -20.04 37.28 1.46
C GLN E 108 -20.85 38.11 2.45
N ILE E 109 -20.31 38.27 3.66
CA ILE E 109 -21.04 38.93 4.74
C ILE E 109 -20.34 40.18 5.24
N LYS E 110 -21.12 41.21 5.54
CA LYS E 110 -20.59 42.41 6.17
C LYS E 110 -21.48 42.84 7.32
N GLU E 111 -20.84 43.20 8.43
CA GLU E 111 -21.53 43.51 9.68
C GLU E 111 -21.38 44.98 10.06
N SER E 112 -22.34 45.48 10.84
CA SER E 112 -22.28 46.86 11.31
C SER E 112 -21.36 47.04 12.50
N LEU E 113 -21.41 48.22 13.10
CA LEU E 113 -20.62 48.52 14.28
C LEU E 113 -21.43 48.19 15.53
N ARG E 114 -20.91 47.24 16.31
CA ARG E 114 -21.65 46.66 17.43
C ARG E 114 -22.11 47.67 18.46
N ALA E 115 -23.31 47.45 18.98
CA ALA E 115 -23.88 48.32 19.98
C ALA E 115 -24.20 47.53 21.23
N GLU E 116 -24.35 48.23 22.36
CA GLU E 116 -24.61 47.56 23.63
C GLU E 116 -26.02 47.81 24.13
N LEU E 117 -26.56 46.82 24.82
CA LEU E 117 -27.88 46.92 25.44
C LEU E 117 -27.75 46.72 26.94
N ARG E 118 -28.52 47.50 27.72
CA ARG E 118 -28.51 47.36 29.16
C ARG E 118 -29.91 47.17 29.72
N VAL E 119 -30.04 46.22 30.62
CA VAL E 119 -31.35 45.96 31.21
C VAL E 119 -31.30 46.19 32.71
N THR E 120 -32.04 47.22 33.13
CA THR E 120 -32.05 47.66 34.51
C THR E 120 -33.02 46.82 35.36
N GLU E 121 -33.30 47.34 36.57
CA GLU E 121 -34.26 46.77 37.52
C GLU E 121 -33.66 45.59 38.28
N SER F 2 40.94 -30.04 17.11
CA SER F 2 40.57 -31.37 16.62
C SER F 2 39.19 -31.87 17.06
N PRO F 3 38.13 -31.07 16.87
CA PRO F 3 36.82 -31.63 17.19
C PRO F 3 36.39 -32.82 16.33
N ASP F 4 36.50 -32.73 15.00
CA ASP F 4 35.89 -33.77 14.18
C ASP F 4 36.48 -35.17 14.33
N ARG F 5 37.64 -35.42 13.70
CA ARG F 5 38.34 -36.71 13.75
C ARG F 5 39.48 -36.74 12.73
N PRO F 6 40.59 -37.41 13.06
CA PRO F 6 41.61 -37.65 12.04
C PRO F 6 41.05 -38.43 10.86
N TRP F 7 41.25 -37.90 9.65
CA TRP F 7 40.72 -38.52 8.44
C TRP F 7 41.82 -38.56 7.39
N ASN F 8 42.22 -39.77 7.01
CA ASN F 8 43.36 -39.95 6.12
C ASN F 8 43.14 -39.46 4.69
N PRO F 9 44.13 -38.76 4.14
CA PRO F 9 44.10 -38.25 2.78
C PRO F 9 44.29 -39.36 1.75
N PRO F 10 43.59 -39.26 0.61
CA PRO F 10 43.66 -40.27 -0.45
C PRO F 10 45.05 -40.32 -1.13
N THR F 11 45.39 -41.47 -1.70
CA THR F 11 46.68 -41.64 -2.37
C THR F 11 46.50 -41.69 -3.88
N PHE F 12 47.35 -40.96 -4.59
CA PHE F 12 47.28 -40.87 -6.05
C PHE F 12 48.55 -41.45 -6.69
N SER F 13 48.40 -42.61 -7.31
CA SER F 13 49.54 -43.33 -7.88
C SER F 13 49.27 -43.58 -9.38
N PRO F 14 50.33 -43.66 -10.21
CA PRO F 14 51.77 -43.62 -9.90
C PRO F 14 52.37 -42.22 -9.78
N ALA F 15 53.65 -42.16 -9.44
CA ALA F 15 54.36 -40.89 -9.29
C ALA F 15 54.27 -40.11 -10.58
N LEU F 16 54.70 -40.76 -11.66
CA LEU F 16 54.79 -40.11 -12.94
C LEU F 16 54.33 -41.02 -14.09
N LEU F 17 53.31 -40.60 -14.84
CA LEU F 17 52.77 -41.44 -15.92
C LEU F 17 53.19 -40.90 -17.30
N VAL F 18 53.74 -41.77 -18.14
CA VAL F 18 54.17 -41.38 -19.49
C VAL F 18 53.38 -42.10 -20.58
N VAL F 19 52.62 -41.34 -21.37
CA VAL F 19 51.84 -41.89 -22.48
C VAL F 19 52.11 -41.07 -23.75
N THR F 20 51.67 -41.58 -24.90
CA THR F 20 51.91 -40.91 -26.18
C THR F 20 50.60 -40.36 -26.75
N GLU F 21 50.61 -39.19 -27.37
CA GLU F 21 49.35 -38.55 -27.78
C GLU F 21 48.45 -39.47 -28.60
N GLY F 22 47.16 -39.46 -28.26
CA GLY F 22 46.20 -40.38 -28.86
C GLY F 22 46.06 -41.64 -28.03
N ASP F 23 46.85 -41.76 -26.97
CA ASP F 23 46.81 -42.90 -26.07
C ASP F 23 45.85 -42.62 -24.92
N ASN F 24 45.82 -43.50 -23.93
CA ASN F 24 44.98 -43.30 -22.77
C ASN F 24 45.78 -43.44 -21.47
N ALA F 25 45.89 -42.35 -20.72
CA ALA F 25 46.57 -42.36 -19.43
C ALA F 25 45.59 -42.73 -18.31
N THR F 26 46.04 -43.54 -17.37
CA THR F 26 45.19 -43.93 -16.26
C THR F 26 45.93 -43.91 -14.92
N PHE F 27 45.40 -43.14 -13.97
CA PHE F 27 45.96 -43.04 -12.62
C PHE F 27 45.08 -43.81 -11.63
N THR F 28 45.69 -44.40 -10.60
CA THR F 28 44.94 -45.12 -9.58
C THR F 28 44.91 -44.35 -8.27
N CYS F 29 43.72 -44.04 -7.79
CA CYS F 29 43.56 -43.25 -6.57
C CYS F 29 42.84 -44.11 -5.53
N SER F 30 43.49 -44.35 -4.39
CA SER F 30 42.91 -45.21 -3.36
C SER F 30 42.26 -44.43 -2.23
N PHE F 31 41.05 -44.82 -1.85
CA PHE F 31 40.38 -44.20 -0.72
C PHE F 31 39.52 -45.20 0.05
N SER F 32 39.62 -45.21 1.38
CA SER F 32 38.68 -46.05 2.15
C SER F 32 38.08 -45.38 3.41
N ASN F 33 36.79 -45.07 3.37
CA ASN F 33 36.09 -44.68 4.59
C ASN F 33 34.66 -45.24 4.65
N THR F 34 34.36 -46.05 5.67
CA THR F 34 33.05 -46.71 5.73
C THR F 34 31.98 -45.73 6.19
N SER F 35 32.36 -44.87 7.12
CA SER F 35 31.46 -43.90 7.72
C SER F 35 31.29 -42.66 6.87
N GLU F 36 30.06 -42.15 6.75
CA GLU F 36 29.85 -40.83 6.14
C GLU F 36 30.39 -40.70 4.72
N SER F 37 29.64 -41.24 3.76
CA SER F 37 30.07 -41.28 2.35
C SER F 37 30.64 -39.96 1.84
N PHE F 38 31.70 -40.06 1.06
CA PHE F 38 32.35 -38.89 0.47
C PHE F 38 32.24 -38.89 -1.04
N VAL F 39 32.82 -37.89 -1.70
CA VAL F 39 32.87 -37.84 -3.15
C VAL F 39 34.30 -37.59 -3.64
N LEU F 40 34.77 -38.48 -4.52
CA LEU F 40 36.14 -38.40 -5.02
C LEU F 40 36.24 -37.57 -6.28
N ASN F 41 37.05 -36.52 -6.20
CA ASN F 41 37.22 -35.58 -7.29
C ASN F 41 38.61 -35.63 -7.87
N TRP F 42 38.76 -35.23 -9.13
CA TRP F 42 40.06 -35.31 -9.79
C TRP F 42 40.35 -34.00 -10.52
N TYR F 43 41.43 -33.32 -10.13
CA TYR F 43 41.71 -32.02 -10.70
C TYR F 43 42.97 -31.95 -11.55
N ARG F 44 43.22 -30.78 -12.10
CA ARG F 44 44.42 -30.47 -12.86
C ARG F 44 44.86 -29.07 -12.42
N MET F 45 46.09 -28.68 -12.73
CA MET F 45 46.63 -27.40 -12.29
C MET F 45 46.75 -26.38 -13.42
N SER F 46 46.62 -25.11 -13.08
CA SER F 46 46.68 -24.02 -14.04
C SER F 46 48.06 -23.35 -14.10
N GLN F 50 45.88 -23.69 -8.50
CA GLN F 50 44.50 -23.34 -8.76
C GLN F 50 43.86 -24.46 -9.58
N THR F 51 43.04 -25.27 -8.92
CA THR F 51 42.53 -26.52 -9.48
C THR F 51 41.33 -26.34 -10.42
N ASP F 52 41.24 -27.23 -11.40
CA ASP F 52 40.05 -27.29 -12.25
C ASP F 52 39.45 -28.68 -12.13
N LYS F 53 38.13 -28.77 -11.97
CA LYS F 53 37.51 -30.08 -11.81
C LYS F 53 37.40 -30.80 -13.15
N LEU F 54 37.80 -32.07 -13.15
CA LEU F 54 37.79 -32.89 -14.35
C LEU F 54 36.64 -33.89 -14.34
N ALA F 55 36.66 -34.77 -13.33
CA ALA F 55 35.56 -35.69 -13.07
C ALA F 55 35.41 -35.97 -11.58
N ALA F 56 34.28 -36.54 -11.19
CA ALA F 56 34.09 -36.99 -9.81
C ALA F 56 33.24 -38.25 -9.69
N PHE F 57 33.38 -38.96 -8.57
CA PHE F 57 32.55 -40.12 -8.26
C PHE F 57 31.59 -39.85 -7.10
N PRO F 58 30.28 -40.10 -7.28
CA PRO F 58 29.59 -40.59 -8.47
C PRO F 58 29.66 -39.61 -9.64
N GLU F 59 29.35 -40.08 -10.84
CA GLU F 59 29.46 -39.28 -12.06
C GLU F 59 28.79 -37.93 -11.90
N ASP F 60 29.42 -36.89 -12.43
CA ASP F 60 28.81 -35.59 -12.31
C ASP F 60 28.04 -35.35 -13.60
N ARG F 61 26.73 -35.60 -13.51
CA ARG F 61 25.77 -35.57 -14.61
C ARG F 61 25.01 -34.24 -14.64
N SER F 62 25.52 -33.33 -13.81
CA SER F 62 25.05 -31.97 -13.60
C SER F 62 25.22 -31.01 -14.83
N GLN F 63 26.41 -30.91 -15.44
CA GLN F 63 26.64 -29.85 -16.43
C GLN F 63 26.78 -30.36 -17.89
N PRO F 64 26.37 -29.53 -18.88
CA PRO F 64 26.25 -30.04 -20.28
C PRO F 64 27.47 -30.50 -21.11
N GLY F 65 27.18 -31.03 -22.30
CA GLY F 65 28.20 -31.47 -23.27
C GLY F 65 28.33 -32.98 -23.38
N GLN F 66 27.84 -33.69 -22.37
CA GLN F 66 27.59 -35.15 -22.42
C GLN F 66 28.83 -36.03 -22.63
N ASP F 67 29.95 -35.44 -23.03
CA ASP F 67 31.14 -36.20 -23.39
C ASP F 67 32.37 -35.65 -22.73
N SER F 68 33.11 -36.55 -22.10
CA SER F 68 34.31 -36.14 -21.45
C SER F 68 35.29 -37.28 -21.53
N ARG F 69 36.55 -36.93 -21.68
CA ARG F 69 37.62 -37.91 -21.76
C ARG F 69 38.11 -38.21 -20.35
N PHE F 70 37.44 -37.60 -19.37
CA PHE F 70 37.84 -37.71 -17.96
C PHE F 70 36.76 -38.40 -17.13
N ARG F 71 37.09 -39.55 -16.55
CA ARG F 71 36.15 -40.31 -15.73
C ARG F 71 36.77 -41.02 -14.53
N VAL F 72 35.92 -41.35 -13.56
CA VAL F 72 36.33 -42.14 -12.42
C VAL F 72 35.53 -43.44 -12.36
N THR F 73 36.20 -44.55 -12.10
CA THR F 73 35.52 -45.83 -11.94
C THR F 73 35.98 -46.52 -10.67
N GLN F 74 35.02 -46.85 -9.79
CA GLN F 74 35.35 -47.55 -8.57
C GLN F 74 35.62 -49.02 -8.90
N LEU F 75 36.81 -49.48 -8.52
CA LEU F 75 37.23 -50.85 -8.79
C LEU F 75 36.45 -51.83 -7.89
N PRO F 76 36.62 -53.16 -8.09
CA PRO F 76 35.79 -54.09 -7.30
C PRO F 76 35.90 -53.96 -5.78
N ASN F 77 37.12 -53.84 -5.28
CA ASN F 77 37.36 -53.71 -3.84
C ASN F 77 36.72 -52.46 -3.27
N GLY F 78 36.62 -51.45 -4.11
CA GLY F 78 35.99 -50.20 -3.73
C GLY F 78 36.98 -49.21 -3.14
N ARG F 79 38.09 -49.75 -2.63
CA ARG F 79 39.12 -48.93 -2.02
C ARG F 79 39.91 -48.19 -3.12
N ASP F 80 40.34 -48.94 -4.13
CA ASP F 80 41.05 -48.37 -5.27
C ASP F 80 40.10 -47.78 -6.31
N PHE F 81 40.58 -46.78 -7.04
CA PHE F 81 39.78 -46.13 -8.08
C PHE F 81 40.59 -45.92 -9.36
N HIS F 82 39.91 -45.98 -10.50
CA HIS F 82 40.60 -45.75 -11.78
C HIS F 82 40.26 -44.37 -12.33
N MET F 83 41.25 -43.48 -12.30
CA MET F 83 41.10 -42.14 -12.83
C MET F 83 41.85 -42.07 -14.15
N SER F 84 41.13 -41.80 -15.24
CA SER F 84 41.77 -41.88 -16.54
C SER F 84 41.39 -40.74 -17.49
N VAL F 85 42.29 -40.50 -18.45
CA VAL F 85 41.99 -39.63 -19.57
C VAL F 85 42.19 -40.39 -20.86
N VAL F 86 41.16 -40.45 -21.71
CA VAL F 86 41.34 -41.07 -23.01
C VAL F 86 41.61 -40.01 -24.06
N ARG F 87 41.90 -40.48 -25.28
CA ARG F 87 42.23 -39.60 -26.40
C ARG F 87 43.26 -38.54 -26.00
N ALA F 88 44.28 -38.96 -25.26
CA ALA F 88 45.20 -38.03 -24.60
C ALA F 88 45.85 -37.06 -25.58
N ARG F 89 45.79 -35.77 -25.26
CA ARG F 89 46.35 -34.71 -26.08
C ARG F 89 47.73 -34.37 -25.54
N ARG F 90 48.45 -33.48 -26.22
CA ARG F 90 49.77 -33.11 -25.71
C ARG F 90 49.69 -32.04 -24.62
N ASN F 91 48.72 -31.14 -24.74
CA ASN F 91 48.60 -30.02 -23.80
C ASN F 91 47.82 -30.39 -22.55
N ASP F 92 47.39 -31.65 -22.48
CA ASP F 92 46.77 -32.19 -21.29
C ASP F 92 47.80 -32.38 -20.19
N SER F 93 49.05 -32.56 -20.61
CA SER F 93 50.15 -32.73 -19.68
C SER F 93 50.20 -31.63 -18.65
N GLY F 94 50.30 -32.04 -17.39
CA GLY F 94 50.33 -31.10 -16.29
C GLY F 94 50.28 -31.86 -15.00
N THR F 95 50.13 -31.11 -13.90
CA THR F 95 50.05 -31.73 -12.60
C THR F 95 48.62 -32.15 -12.32
N TYR F 96 48.46 -33.38 -11.84
CA TYR F 96 47.15 -33.92 -11.52
C TYR F 96 47.10 -34.37 -10.06
N LEU F 97 45.89 -34.60 -9.56
CA LEU F 97 45.67 -34.84 -8.14
C LEU F 97 44.22 -35.20 -7.92
N CYS F 98 43.94 -35.85 -6.79
CA CYS F 98 42.56 -36.14 -6.45
C CYS F 98 42.32 -35.80 -5.01
N GLY F 99 41.07 -35.51 -4.67
CA GLY F 99 40.75 -35.23 -3.30
C GLY F 99 39.32 -35.57 -2.94
N ALA F 100 39.13 -35.92 -1.68
CA ALA F 100 37.87 -36.45 -1.20
C ALA F 100 37.14 -35.36 -0.46
N ILE F 101 35.83 -35.35 -0.58
CA ILE F 101 35.05 -34.29 0.01
C ILE F 101 33.84 -34.85 0.75
N SER F 102 33.61 -34.36 1.96
CA SER F 102 32.44 -34.76 2.75
C SER F 102 31.17 -34.14 2.17
N LEU F 103 30.03 -34.73 2.49
CA LEU F 103 28.74 -34.22 2.02
C LEU F 103 28.06 -33.33 3.03
N ALA F 104 28.73 -33.11 4.16
CA ALA F 104 28.20 -32.24 5.20
C ALA F 104 28.14 -30.82 4.69
N PRO F 105 27.11 -30.06 5.08
CA PRO F 105 26.87 -28.75 4.46
C PRO F 105 28.14 -27.87 4.41
N LYS F 106 29.01 -27.94 5.41
CA LYS F 106 30.28 -27.27 5.26
C LYS F 106 31.34 -28.33 5.17
N ALA F 107 31.81 -28.56 3.95
CA ALA F 107 32.44 -29.85 3.62
C ALA F 107 33.91 -29.85 3.89
N GLN F 108 34.44 -30.94 4.42
CA GLN F 108 35.87 -31.02 4.63
C GLN F 108 36.50 -31.44 3.31
N ILE F 109 37.82 -31.42 3.23
CA ILE F 109 38.47 -31.89 2.03
C ILE F 109 39.89 -32.39 2.31
N LYS F 110 40.28 -33.46 1.61
CA LYS F 110 41.64 -33.98 1.69
C LYS F 110 42.20 -34.24 0.30
N GLU F 111 43.24 -33.50 -0.07
CA GLU F 111 43.91 -33.71 -1.36
C GLU F 111 44.89 -34.87 -1.35
N SER F 112 45.04 -35.50 -2.52
CA SER F 112 46.08 -36.50 -2.73
C SER F 112 47.40 -35.78 -2.96
N LEU F 113 48.42 -36.50 -3.40
CA LEU F 113 49.71 -35.87 -3.69
C LEU F 113 49.84 -35.49 -5.16
N ARG F 114 50.42 -34.32 -5.41
CA ARG F 114 50.56 -33.83 -6.77
C ARG F 114 51.31 -34.85 -7.60
N ALA F 115 50.67 -35.30 -8.68
CA ALA F 115 51.28 -36.22 -9.62
C ALA F 115 51.28 -35.53 -10.96
N GLU F 116 52.26 -35.88 -11.77
CA GLU F 116 52.41 -35.25 -13.05
C GLU F 116 52.16 -36.30 -14.13
N LEU F 117 51.82 -35.84 -15.33
CA LEU F 117 51.60 -36.69 -16.49
C LEU F 117 52.52 -36.23 -17.62
N ARG F 118 53.04 -37.19 -18.37
CA ARG F 118 53.88 -36.84 -19.51
C ARG F 118 53.33 -37.46 -20.77
N VAL F 119 52.88 -36.63 -21.70
CA VAL F 119 52.47 -37.16 -22.98
C VAL F 119 53.45 -36.64 -24.05
N THR F 120 53.71 -37.48 -25.03
CA THR F 120 54.81 -37.28 -25.96
C THR F 120 54.41 -37.43 -27.43
N GLU F 121 55.44 -37.42 -28.29
CA GLU F 121 55.35 -37.53 -29.75
C GLU F 121 54.90 -36.20 -30.37
#